data_2P5N
#
_entry.id   2P5N
#
_cell.length_a   84.910
_cell.length_b   84.900
_cell.length_c   95.830
_cell.angle_alpha   90.00
_cell.angle_beta   90.00
_cell.angle_gamma   90.00
#
_symmetry.space_group_name_H-M   'P 21 21 21'
#
loop_
_entity.id
_entity.type
_entity.pdbx_description
1 polymer 'Aldo-keto reductase family 1, member C21'
2 non-polymer 'NADPH DIHYDRO-NICOTINAMIDE-ADENINE-DINUCLEOTIDE PHOSPHATE'
3 non-polymer (4S)-2-METHYL-2,4-PENTANEDIOL
4 water water
#
_entity_poly.entity_id   1
_entity_poly.type   'polypeptide(L)'
_entity_poly.pdbx_seq_one_letter_code
;MNSKCHCVILNDGNFIPVLGFGTALPLECPKSKAKELTKIAIDAGFHHFDSASVYNTEDHVGEAIRSKIADGTVRREDIF
YTSKVWCTSLHPELVRASLERSLQKLQFDYVDLYLIHYPMALKPGEENFPVDEHGKLIFDRVDLCATWEAMEKCKDAGLT
KSIGVSNFNYRQLEMILNKPGLKYKPVCNQVECHPYLNQMKLLDFCKSKDIVLVAYGVLGTQRYGGWVDQNSPVLLDEPV
LGSMAKKYNRTPALIALRYQLQRGIVVLNTSLKEERIKENMQVFEFQLSSEDMKVLDGLNRNMRYIPAAIFKGHPNWPFL
DEY
;
_entity_poly.pdbx_strand_id   A,B
#
loop_
_chem_comp.id
_chem_comp.type
_chem_comp.name
_chem_comp.formula
MPD non-polymer (4S)-2-METHYL-2,4-PENTANEDIOL 'C6 H14 O2'
NDP non-polymer 'NADPH DIHYDRO-NICOTINAMIDE-ADENINE-DINUCLEOTIDE PHOSPHATE' 'C21 H30 N7 O17 P3'
#
# COMPACT_ATOMS: atom_id res chain seq x y z
N MET A 1 1.22 7.09 -17.25
CA MET A 1 1.64 6.34 -16.02
C MET A 1 0.40 5.77 -15.42
N ASN A 2 0.27 4.45 -15.52
CA ASN A 2 -0.97 3.79 -15.15
C ASN A 2 -0.78 2.97 -13.85
N SER A 3 -1.85 2.32 -13.39
CA SER A 3 -1.90 1.69 -12.09
C SER A 3 -0.98 0.48 -11.88
N LYS A 4 -0.51 -0.16 -12.96
CA LYS A 4 0.44 -1.31 -12.85
C LYS A 4 1.89 -0.91 -12.48
N CYS A 5 2.03 -0.25 -11.35
CA CYS A 5 3.32 0.11 -10.74
C CYS A 5 3.08 0.01 -9.23
N HIS A 6 4.15 -0.03 -8.45
CA HIS A 6 4.03 0.21 -7.02
C HIS A 6 3.87 1.70 -6.88
N CYS A 7 2.61 2.14 -6.89
CA CYS A 7 2.28 3.54 -6.98
C CYS A 7 1.21 3.89 -5.96
N VAL A 8 1.11 5.17 -5.62
CA VAL A 8 -0.02 5.67 -4.86
C VAL A 8 -0.73 6.67 -5.74
N ILE A 9 -1.95 7.03 -5.36
CA ILE A 9 -2.75 7.89 -6.20
C ILE A 9 -2.78 9.26 -5.58
N LEU A 10 -2.48 10.26 -6.41
CA LEU A 10 -2.46 11.66 -6.01
C LEU A 10 -3.91 12.19 -6.02
N ASN A 11 -4.15 13.31 -5.31
CA ASN A 11 -5.51 13.86 -5.19
C ASN A 11 -6.00 14.45 -6.49
N ASP A 12 -5.17 14.45 -7.54
CA ASP A 12 -5.63 14.88 -8.86
C ASP A 12 -5.86 13.68 -9.79
N GLY A 13 -5.72 12.47 -9.23
CA GLY A 13 -6.03 11.26 -9.97
C GLY A 13 -4.81 10.60 -10.59
N ASN A 14 -3.66 11.27 -10.61
CA ASN A 14 -2.44 10.71 -11.27
C ASN A 14 -1.69 9.73 -10.38
N PHE A 15 -0.90 8.85 -10.98
CA PHE A 15 -0.18 7.83 -10.19
C PHE A 15 1.30 8.22 -9.97
N ILE A 16 1.87 8.00 -8.77
CA ILE A 16 3.27 8.32 -8.51
C ILE A 16 3.95 7.07 -7.97
N PRO A 17 5.08 6.67 -8.58
CA PRO A 17 5.76 5.52 -7.97
C PRO A 17 6.24 5.85 -6.58
N VAL A 18 6.05 4.93 -5.64
CA VAL A 18 6.46 5.21 -4.28
C VAL A 18 7.99 5.20 -4.00
N LEU A 19 8.81 4.66 -4.91
CA LEU A 19 10.26 4.71 -4.71
C LEU A 19 10.81 5.59 -5.84
N GLY A 20 11.51 6.66 -5.49
CA GLY A 20 12.04 7.61 -6.47
C GLY A 20 13.55 7.76 -6.36
N PHE A 21 14.21 7.99 -7.50
CA PHE A 21 15.65 8.23 -7.47
C PHE A 21 15.94 9.71 -7.62
N GLY A 22 16.71 10.23 -6.67
CA GLY A 22 17.02 11.64 -6.60
C GLY A 22 18.23 12.01 -7.42
N THR A 23 18.18 13.17 -8.07
CA THR A 23 19.21 13.53 -9.04
C THR A 23 20.04 14.73 -8.63
N ALA A 24 20.00 15.06 -7.34
CA ALA A 24 20.90 16.06 -6.81
C ALA A 24 22.23 15.39 -6.50
N LEU A 25 23.29 16.22 -6.46
CA LEU A 25 24.65 15.70 -6.33
C LEU A 25 25.42 16.46 -5.28
N PRO A 26 26.38 15.80 -4.62
CA PRO A 26 27.33 16.53 -3.80
C PRO A 26 28.09 17.55 -4.65
N LEU A 27 28.56 18.62 -3.99
CA LEU A 27 29.30 19.73 -4.63
C LEU A 27 30.52 19.24 -5.42
N GLU A 28 31.15 18.22 -4.88
CA GLU A 28 32.35 17.58 -5.40
C GLU A 28 32.19 16.88 -6.78
N CYS A 29 30.95 16.70 -7.22
CA CYS A 29 30.64 15.95 -8.45
C CYS A 29 30.43 16.85 -9.67
N PRO A 30 30.94 16.41 -10.84
CA PRO A 30 30.54 17.05 -12.07
C PRO A 30 29.07 16.78 -12.29
N LYS A 31 28.40 17.69 -12.97
CA LYS A 31 26.98 17.51 -13.24
C LYS A 31 26.66 16.41 -14.25
N SER A 32 27.62 16.04 -15.10
CA SER A 32 27.44 14.89 -15.96
C SER A 32 27.21 13.59 -15.17
N LYS A 33 27.66 13.56 -13.90
CA LYS A 33 27.48 12.38 -13.07
C LYS A 33 26.03 11.97 -13.03
N ALA A 34 25.12 12.94 -13.11
CA ALA A 34 23.69 12.65 -13.04
C ALA A 34 23.18 11.86 -14.26
N LYS A 35 23.74 12.07 -15.43
CA LYS A 35 23.43 11.23 -16.59
C LYS A 35 23.79 9.77 -16.31
N GLU A 36 24.98 9.57 -15.75
CA GLU A 36 25.48 8.25 -15.46
C GLU A 36 24.56 7.53 -14.44
N LEU A 37 24.24 8.22 -13.35
CA LEU A 37 23.39 7.63 -12.31
C LEU A 37 21.96 7.38 -12.74
N THR A 38 21.43 8.24 -13.62
CA THR A 38 20.09 8.03 -14.12
C THR A 38 20.00 6.78 -14.99
N LYS A 39 20.99 6.56 -15.86
CA LYS A 39 21.02 5.38 -16.71
C LYS A 39 21.05 4.14 -15.81
N ILE A 40 21.91 4.15 -14.80
CA ILE A 40 21.98 3.07 -13.78
C ILE A 40 20.65 2.81 -13.06
N ALA A 41 20.05 3.86 -12.49
CA ALA A 41 18.68 3.77 -11.90
C ALA A 41 17.60 3.22 -12.85
N ILE A 42 17.57 3.67 -14.10
CA ILE A 42 16.63 3.12 -15.05
C ILE A 42 16.84 1.60 -15.25
N ASP A 43 18.08 1.20 -15.55
CA ASP A 43 18.38 -0.20 -15.60
C ASP A 43 18.06 -1.01 -14.33
N ALA A 44 18.21 -0.42 -13.14
CA ALA A 44 17.79 -1.10 -11.90
C ALA A 44 16.24 -1.21 -11.67
N GLY A 45 15.48 -0.53 -12.52
CA GLY A 45 14.03 -0.55 -12.45
C GLY A 45 13.36 0.70 -11.88
N PHE A 46 14.13 1.75 -11.62
CA PHE A 46 13.54 3.06 -11.23
C PHE A 46 12.71 3.69 -12.32
N HIS A 47 11.56 4.24 -11.94
CA HIS A 47 10.74 4.91 -12.90
C HIS A 47 10.50 6.34 -12.53
N HIS A 48 10.76 6.68 -11.28
CA HIS A 48 10.45 7.99 -10.71
C HIS A 48 11.82 8.66 -10.43
N PHE A 49 12.00 9.81 -11.05
CA PHE A 49 13.21 10.66 -10.89
C PHE A 49 12.86 12.02 -10.34
N ASP A 50 13.55 12.45 -9.29
CA ASP A 50 13.26 13.76 -8.72
C ASP A 50 14.40 14.75 -9.06
N SER A 51 14.03 15.95 -9.53
CA SER A 51 15.02 16.96 -9.88
C SER A 51 14.52 18.31 -9.48
N ALA A 52 15.25 19.39 -9.85
CA ALA A 52 14.88 20.79 -9.45
C ALA A 52 15.65 21.71 -10.34
N SER A 53 15.15 22.93 -10.62
CA SER A 53 15.95 23.83 -11.51
C SER A 53 17.28 24.12 -10.87
N VAL A 54 17.32 24.18 -9.54
CA VAL A 54 18.48 24.67 -8.83
C VAL A 54 19.59 23.61 -8.78
N TYR A 55 19.18 22.35 -8.93
CA TYR A 55 20.14 21.25 -8.97
C TYR A 55 21.14 21.43 -10.10
N ASN A 56 20.69 22.01 -11.21
CA ASN A 56 21.48 22.08 -12.42
C ASN A 56 21.98 20.70 -12.86
N THR A 57 21.08 19.73 -12.84
CA THR A 57 21.36 18.40 -13.44
C THR A 57 20.27 17.98 -14.44
N GLU A 58 19.25 18.82 -14.66
CA GLU A 58 18.09 18.39 -15.46
C GLU A 58 18.49 18.08 -16.89
N ASP A 59 19.47 18.81 -17.46
CA ASP A 59 19.89 18.56 -18.86
C ASP A 59 20.54 17.18 -19.01
N HIS A 60 21.40 16.82 -18.07
CA HIS A 60 21.99 15.46 -18.00
C HIS A 60 21.01 14.37 -17.64
N VAL A 61 20.06 14.68 -16.75
CA VAL A 61 19.03 13.70 -16.37
C VAL A 61 18.15 13.43 -17.61
N GLY A 62 17.83 14.49 -18.37
CA GLY A 62 17.05 14.37 -19.61
C GLY A 62 17.80 13.56 -20.68
N GLU A 63 19.10 13.80 -20.86
CA GLU A 63 19.87 12.99 -21.80
C GLU A 63 19.71 11.51 -21.46
N ALA A 64 19.92 11.18 -20.18
CA ALA A 64 19.82 9.82 -19.73
C ALA A 64 18.44 9.21 -19.96
N ILE A 65 17.36 9.94 -19.63
CA ILE A 65 16.05 9.36 -19.77
C ILE A 65 15.77 9.24 -21.26
N ARG A 66 16.10 10.28 -22.01
CA ARG A 66 15.77 10.29 -23.47
C ARG A 66 16.50 9.22 -24.24
N SER A 67 17.71 8.88 -23.84
CA SER A 67 18.48 7.80 -24.54
C SER A 67 17.90 6.46 -24.17
N LYS A 68 17.39 6.31 -22.94
CA LYS A 68 16.71 5.05 -22.58
C LYS A 68 15.38 4.88 -23.32
N ILE A 69 14.72 6.00 -23.63
CA ILE A 69 13.46 5.96 -24.35
C ILE A 69 13.85 5.60 -25.80
N ALA A 70 14.82 6.33 -26.33
CA ALA A 70 15.24 6.13 -27.73
C ALA A 70 15.63 4.71 -28.01
N ASP A 71 16.31 4.05 -27.07
CA ASP A 71 16.84 2.74 -27.33
C ASP A 71 15.85 1.64 -26.95
N GLY A 72 14.68 2.06 -26.47
CA GLY A 72 13.59 1.15 -26.21
C GLY A 72 13.56 0.61 -24.80
N THR A 73 14.40 1.12 -23.90
CA THR A 73 14.36 0.59 -22.52
C THR A 73 13.07 0.98 -21.76
N VAL A 74 12.65 2.23 -21.86
CA VAL A 74 11.42 2.68 -21.20
C VAL A 74 10.60 3.50 -22.18
N ARG A 75 9.36 3.82 -21.82
CA ARG A 75 8.55 4.81 -22.52
C ARG A 75 8.44 6.04 -21.62
N ARG A 76 8.31 7.22 -22.21
CA ARG A 76 8.05 8.47 -21.42
C ARG A 76 6.85 8.35 -20.47
N GLU A 77 5.81 7.64 -20.90
CA GLU A 77 4.58 7.49 -20.15
C GLU A 77 4.79 6.59 -18.93
N ASP A 78 5.87 5.79 -18.91
CA ASP A 78 6.21 5.00 -17.72
C ASP A 78 7.30 5.61 -16.84
N ILE A 79 7.69 6.84 -17.18
CA ILE A 79 8.63 7.63 -16.37
C ILE A 79 7.86 8.70 -15.62
N PHE A 80 8.15 8.86 -14.34
CA PHE A 80 7.59 9.97 -13.58
C PHE A 80 8.73 10.91 -13.22
N TYR A 81 8.73 12.11 -13.83
CA TYR A 81 9.79 13.10 -13.62
C TYR A 81 9.30 14.35 -12.86
N THR A 82 9.97 14.69 -11.76
CA THR A 82 9.65 15.88 -10.98
C THR A 82 10.69 16.96 -11.13
N SER A 83 10.21 18.20 -11.27
CA SER A 83 11.09 19.38 -11.07
C SER A 83 10.48 20.30 -10.03
N LYS A 84 11.22 21.38 -9.75
CA LYS A 84 10.84 22.33 -8.69
C LYS A 84 11.28 23.70 -9.11
N VAL A 85 10.45 24.67 -8.84
CA VAL A 85 10.81 26.01 -9.17
C VAL A 85 11.50 26.66 -7.95
N TRP A 86 12.56 27.38 -8.27
CA TRP A 86 13.52 27.76 -7.27
C TRP A 86 13.06 29.15 -6.76
N CYS A 87 13.54 29.54 -5.59
CA CYS A 87 13.23 30.79 -4.93
C CYS A 87 13.29 32.08 -5.78
N THR A 88 14.24 32.14 -6.70
CA THR A 88 14.45 33.31 -7.55
C THR A 88 13.29 33.53 -8.55
N SER A 89 12.50 32.48 -8.80
CA SER A 89 11.39 32.52 -9.78
C SER A 89 9.98 32.26 -9.24
N LEU A 90 9.77 32.52 -7.98
CA LEU A 90 8.47 32.32 -7.35
C LEU A 90 7.46 33.41 -7.70
N HIS A 91 7.92 34.53 -8.24
CA HIS A 91 6.96 35.54 -8.70
C HIS A 91 6.03 34.97 -9.73
N PRO A 92 4.73 35.28 -9.61
CA PRO A 92 3.76 34.68 -10.57
C PRO A 92 4.21 34.69 -12.01
N GLU A 93 4.80 35.82 -12.45
CA GLU A 93 5.14 36.00 -13.88
C GLU A 93 6.44 35.31 -14.29
N LEU A 94 7.13 34.72 -13.32
CA LEU A 94 8.38 34.02 -13.57
C LEU A 94 8.25 32.48 -13.44
N VAL A 95 7.19 32.00 -12.79
CA VAL A 95 7.00 30.56 -12.54
C VAL A 95 6.94 29.78 -13.86
N ARG A 96 6.01 30.14 -14.74
CA ARG A 96 5.92 29.41 -15.99
C ARG A 96 7.17 29.47 -16.82
N ALA A 97 7.82 30.62 -16.84
CA ALA A 97 8.99 30.75 -17.70
C ALA A 97 10.08 29.83 -17.19
N SER A 98 10.17 29.62 -15.87
CA SER A 98 11.17 28.70 -15.30
C SER A 98 10.87 27.25 -15.72
N LEU A 99 9.60 26.88 -15.68
CA LEU A 99 9.19 25.55 -16.13
C LEU A 99 9.49 25.37 -17.60
N GLU A 100 9.19 26.36 -18.42
CA GLU A 100 9.54 26.28 -19.85
C GLU A 100 11.04 26.09 -20.06
N ARG A 101 11.84 26.78 -19.25
CA ARG A 101 13.28 26.59 -19.28
C ARG A 101 13.73 25.18 -18.99
N SER A 102 13.21 24.58 -17.92
CA SER A 102 13.58 23.22 -17.58
C SER A 102 13.16 22.25 -18.68
N LEU A 103 11.95 22.43 -19.20
CA LEU A 103 11.49 21.57 -20.33
C LEU A 103 12.42 21.63 -21.52
N GLN A 104 12.95 22.83 -21.79
CA GLN A 104 13.97 23.03 -22.83
C GLN A 104 15.30 22.31 -22.51
N LYS A 105 15.80 22.43 -21.28
CA LYS A 105 17.00 21.65 -20.86
C LYS A 105 16.76 20.15 -21.02
N LEU A 106 15.57 19.71 -20.64
CA LEU A 106 15.17 18.28 -20.59
C LEU A 106 14.89 17.76 -21.98
N GLN A 107 14.48 18.66 -22.88
CA GLN A 107 13.82 18.26 -24.11
C GLN A 107 12.58 17.37 -23.87
N PHE A 108 11.80 17.71 -22.83
CA PHE A 108 10.54 17.05 -22.48
C PHE A 108 9.43 17.95 -22.90
N ASP A 109 8.25 17.37 -23.12
CA ASP A 109 7.06 18.11 -23.39
C ASP A 109 6.34 18.51 -22.09
N TYR A 110 6.49 17.71 -21.05
CA TYR A 110 5.85 17.98 -19.79
C TYR A 110 6.73 17.33 -18.73
N VAL A 111 6.54 17.76 -17.49
CA VAL A 111 7.09 17.08 -16.33
C VAL A 111 5.84 16.51 -15.64
N ASP A 112 5.99 15.43 -14.90
CA ASP A 112 4.84 14.80 -14.24
C ASP A 112 4.49 15.52 -12.99
N LEU A 113 5.49 16.16 -12.38
CA LEU A 113 5.28 16.88 -11.12
C LEU A 113 6.14 18.12 -11.00
N TYR A 114 5.55 19.23 -10.51
CA TYR A 114 6.28 20.51 -10.42
C TYR A 114 5.96 21.03 -9.03
N LEU A 115 7.01 21.35 -8.26
CA LEU A 115 6.85 21.77 -6.87
C LEU A 115 7.44 23.16 -6.69
N ILE A 116 6.88 23.94 -5.76
CA ILE A 116 7.60 25.02 -5.12
C ILE A 116 8.70 24.45 -4.26
N HIS A 117 9.91 24.90 -4.49
CA HIS A 117 11.06 24.27 -3.84
C HIS A 117 11.18 24.60 -2.32
N TYR A 118 10.91 25.88 -2.00
CA TYR A 118 10.88 26.42 -0.64
C TYR A 118 9.83 27.48 -0.66
N PRO A 119 9.14 27.67 0.45
CA PRO A 119 8.20 28.78 0.58
C PRO A 119 8.87 30.18 0.77
N MET A 120 10.07 30.37 0.27
CA MET A 120 10.80 31.62 0.49
C MET A 120 11.34 32.15 -0.82
N ALA A 121 10.86 33.31 -1.29
CA ALA A 121 11.37 33.99 -2.48
C ALA A 121 12.65 34.84 -2.28
N LEU A 122 13.54 34.78 -3.26
CA LEU A 122 14.82 35.48 -3.23
C LEU A 122 14.81 36.47 -4.38
N LYS A 123 15.75 37.41 -4.39
CA LYS A 123 15.82 38.44 -5.47
C LYS A 123 15.87 37.78 -6.86
N PRO A 124 14.96 38.16 -7.79
CA PRO A 124 14.95 37.52 -9.11
C PRO A 124 16.18 37.81 -9.93
N GLY A 125 16.66 36.78 -10.63
CA GLY A 125 17.77 36.96 -11.50
C GLY A 125 18.30 35.61 -11.80
N GLU A 126 19.20 35.55 -12.79
CA GLU A 126 19.87 34.30 -13.18
C GLU A 126 20.62 33.66 -12.03
N GLU A 127 21.23 34.47 -11.18
CA GLU A 127 21.90 33.95 -9.99
C GLU A 127 20.92 33.27 -9.05
N ASN A 128 21.22 32.02 -8.71
CA ASN A 128 20.33 31.23 -7.87
C ASN A 128 20.40 31.64 -6.40
N PHE A 129 21.60 31.99 -5.95
CA PHE A 129 21.78 32.55 -4.61
C PHE A 129 22.36 33.96 -4.67
N PRO A 130 21.53 34.91 -5.07
CA PRO A 130 21.89 36.34 -4.96
C PRO A 130 22.26 36.72 -3.54
N VAL A 131 23.46 37.26 -3.36
CA VAL A 131 23.92 37.74 -2.05
C VAL A 131 24.33 39.22 -2.05
N ASP A 132 24.41 39.80 -0.86
CA ASP A 132 25.06 41.09 -0.68
C ASP A 132 26.52 40.93 -0.28
N GLU A 133 27.14 42.01 0.19
CA GLU A 133 28.57 42.04 0.41
C GLU A 133 28.96 41.28 1.67
N HIS A 134 27.97 40.90 2.47
CA HIS A 134 28.21 40.16 3.69
C HIS A 134 28.05 38.70 3.43
N GLY A 135 27.76 38.37 2.17
CA GLY A 135 27.59 36.99 1.77
C GLY A 135 26.20 36.46 2.06
N LYS A 136 25.27 37.38 2.36
CA LYS A 136 23.94 37.00 2.77
C LYS A 136 22.95 37.07 1.60
N LEU A 137 22.13 36.03 1.48
CA LEU A 137 21.11 35.99 0.43
C LEU A 137 20.23 37.24 0.46
N ILE A 138 19.83 37.71 -0.71
CA ILE A 138 18.83 38.73 -0.82
C ILE A 138 17.42 38.20 -0.90
N PHE A 139 16.70 38.23 0.19
CA PHE A 139 15.29 37.82 0.17
C PHE A 139 14.49 38.71 -0.73
N ASP A 140 13.40 38.20 -1.27
CA ASP A 140 12.38 39.02 -1.88
C ASP A 140 11.07 38.67 -1.19
N ARG A 141 10.04 39.48 -1.38
CA ARG A 141 8.74 39.21 -0.79
C ARG A 141 7.86 38.74 -1.92
N VAL A 142 7.28 37.55 -1.76
CA VAL A 142 6.24 37.15 -2.74
C VAL A 142 4.98 36.67 -2.04
N ASP A 143 3.86 36.93 -2.70
CA ASP A 143 2.62 36.31 -2.34
C ASP A 143 2.72 34.82 -2.75
N LEU A 144 2.94 33.93 -1.78
CA LEU A 144 2.97 32.48 -1.99
C LEU A 144 1.69 31.91 -2.57
N CYS A 145 0.56 32.52 -2.21
CA CYS A 145 -0.73 32.17 -2.78
C CYS A 145 -0.82 32.61 -4.24
N ALA A 146 -0.17 33.72 -4.59
CA ALA A 146 -0.05 34.07 -6.01
C ALA A 146 0.92 33.10 -6.75
N THR A 147 2.03 32.74 -6.10
CA THR A 147 2.89 31.69 -6.67
C THR A 147 2.04 30.44 -6.95
N TRP A 148 1.24 30.02 -5.97
CA TRP A 148 0.36 28.84 -6.14
C TRP A 148 -0.56 28.93 -7.36
N GLU A 149 -1.22 30.07 -7.57
CA GLU A 149 -2.02 30.25 -8.77
C GLU A 149 -1.23 30.13 -10.09
N ALA A 150 0.04 30.48 -10.08
CA ALA A 150 0.84 30.36 -11.29
C ALA A 150 1.18 28.88 -11.57
N MET A 151 1.48 28.12 -10.51
CA MET A 151 1.52 26.66 -10.57
C MET A 151 0.25 26.04 -11.23
N GLU A 152 -0.93 26.46 -10.77
CA GLU A 152 -2.20 25.93 -11.27
C GLU A 152 -2.34 26.22 -12.74
N LYS A 153 -1.88 27.40 -13.15
CA LYS A 153 -1.79 27.78 -14.53
C LYS A 153 -0.84 26.88 -15.34
N CYS A 154 0.31 26.53 -14.78
CA CYS A 154 1.20 25.52 -15.41
C CYS A 154 0.55 24.14 -15.59
N LYS A 155 -0.30 23.74 -14.65
CA LYS A 155 -1.05 22.47 -14.77
C LYS A 155 -2.09 22.59 -15.91
N ASP A 156 -2.80 23.72 -15.98
CA ASP A 156 -3.82 23.87 -17.05
C ASP A 156 -3.23 24.20 -18.42
N ALA A 157 -1.95 24.53 -18.45
CA ALA A 157 -1.18 24.61 -19.72
C ALA A 157 -0.68 23.25 -20.20
N GLY A 158 -0.72 22.22 -19.35
CA GLY A 158 -0.29 20.89 -19.83
C GLY A 158 1.22 20.78 -19.72
N LEU A 159 1.85 21.76 -19.05
CA LEU A 159 3.30 21.78 -18.94
C LEU A 159 3.75 20.78 -17.84
N THR A 160 2.88 20.58 -16.88
CA THR A 160 3.08 19.63 -15.78
C THR A 160 1.77 18.95 -15.50
N LYS A 161 1.83 17.68 -15.15
CA LYS A 161 0.64 16.88 -14.95
C LYS A 161 0.11 17.15 -13.56
N SER A 162 1.02 17.29 -12.58
CA SER A 162 0.58 17.56 -11.20
C SER A 162 1.41 18.66 -10.56
N ILE A 163 0.89 19.25 -9.49
CA ILE A 163 1.62 20.29 -8.80
C ILE A 163 1.60 20.08 -7.28
N GLY A 164 2.72 20.39 -6.64
CA GLY A 164 2.89 20.21 -5.19
C GLY A 164 3.89 21.19 -4.59
N VAL A 165 4.24 20.98 -3.32
CA VAL A 165 5.17 21.90 -2.67
C VAL A 165 6.28 21.11 -2.07
N SER A 166 7.37 21.77 -1.72
CA SER A 166 8.42 21.14 -0.94
C SER A 166 8.77 22.05 0.23
N ASN A 167 9.05 21.43 1.39
CA ASN A 167 9.59 22.12 2.58
C ASN A 167 8.59 23.18 3.08
N PHE A 168 7.31 22.86 3.03
CA PHE A 168 6.27 23.69 3.66
C PHE A 168 6.00 23.20 5.07
N ASN A 169 5.71 24.13 5.97
CA ASN A 169 5.24 23.71 7.29
C ASN A 169 3.74 23.65 7.31
N TYR A 170 3.23 23.11 8.42
CA TYR A 170 1.80 22.97 8.60
C TYR A 170 1.03 24.27 8.21
N ARG A 171 1.44 25.40 8.81
CA ARG A 171 0.80 26.71 8.60
C ARG A 171 0.82 27.14 7.13
N GLN A 172 1.98 26.99 6.50
CA GLN A 172 2.13 27.23 5.07
C GLN A 172 1.26 26.30 4.19
N LEU A 173 1.11 25.02 4.53
CA LEU A 173 0.14 24.17 3.81
C LEU A 173 -1.29 24.71 3.95
N GLU A 174 -1.65 25.10 5.17
CA GLU A 174 -2.98 25.66 5.43
C GLU A 174 -3.30 26.90 4.55
N MET A 175 -2.44 27.91 4.63
CA MET A 175 -2.49 29.02 3.68
C MET A 175 -3.06 28.57 2.34
N ILE A 176 -2.39 27.63 1.69
CA ILE A 176 -2.73 27.23 0.33
C ILE A 176 -4.13 26.63 0.26
N LEU A 177 -4.39 25.67 1.14
CA LEU A 177 -5.66 24.95 1.12
C LEU A 177 -6.83 25.88 1.44
N ASN A 178 -6.54 26.94 2.20
CA ASN A 178 -7.61 27.87 2.66
C ASN A 178 -7.75 29.07 1.72
N LYS A 179 -6.96 29.07 0.65
CA LYS A 179 -6.88 30.16 -0.31
C LYS A 179 -8.21 30.17 -1.04
N PRO A 180 -8.90 31.34 -1.08
CA PRO A 180 -10.15 31.40 -1.85
C PRO A 180 -9.93 31.14 -3.34
N GLY A 181 -10.91 30.51 -3.96
CA GLY A 181 -10.80 30.18 -5.37
C GLY A 181 -9.71 29.14 -5.70
N LEU A 182 -9.16 28.46 -4.68
CA LEU A 182 -8.20 27.36 -4.93
C LEU A 182 -8.76 26.41 -6.01
N LYS A 183 -7.96 26.05 -7.00
CA LYS A 183 -8.37 25.14 -8.06
C LYS A 183 -7.79 23.73 -7.87
N TYR A 184 -6.54 23.62 -7.39
CA TYR A 184 -5.92 22.31 -7.17
C TYR A 184 -5.17 22.31 -5.87
N LYS A 185 -5.43 21.35 -4.98
CA LYS A 185 -4.66 21.22 -3.77
C LYS A 185 -3.26 20.76 -4.17
N PRO A 186 -2.22 21.11 -3.37
CA PRO A 186 -0.91 20.51 -3.62
C PRO A 186 -1.07 18.98 -3.51
N VAL A 187 -0.47 18.23 -4.44
CA VAL A 187 -0.62 16.77 -4.36
C VAL A 187 0.34 16.18 -3.32
N CYS A 188 1.38 16.95 -3.01
CA CYS A 188 2.41 16.50 -2.13
C CYS A 188 3.11 17.63 -1.40
N ASN A 189 3.81 17.23 -0.35
CA ASN A 189 4.70 18.17 0.31
C ASN A 189 5.98 17.33 0.45
N GLN A 190 7.02 17.67 -0.30
CA GLN A 190 8.28 16.93 -0.21
C GLN A 190 9.18 17.51 0.92
N VAL A 191 9.44 16.72 1.96
CA VAL A 191 10.10 17.23 3.19
C VAL A 191 11.10 16.20 3.68
N GLU A 192 12.07 16.63 4.51
CA GLU A 192 13.09 15.71 5.01
C GLU A 192 12.40 14.71 5.93
N CYS A 193 12.75 13.44 5.84
CA CYS A 193 12.07 12.49 6.74
C CYS A 193 12.90 11.25 6.92
N HIS A 194 13.20 10.91 8.19
CA HIS A 194 14.04 9.78 8.51
C HIS A 194 13.75 9.37 9.98
N PRO A 195 14.29 8.25 10.44
CA PRO A 195 14.05 7.92 11.86
C PRO A 195 14.44 9.00 12.91
N TYR A 196 15.42 9.88 12.63
CA TYR A 196 15.79 10.94 13.58
C TYR A 196 14.88 12.14 13.52
N LEU A 197 14.04 12.23 12.49
CA LEU A 197 13.13 13.36 12.25
C LEU A 197 11.95 12.72 11.51
N ASN A 198 11.08 12.05 12.25
CA ASN A 198 10.11 11.17 11.56
C ASN A 198 8.85 11.82 11.05
N GLN A 199 8.70 13.13 11.30
CA GLN A 199 7.58 13.92 10.81
C GLN A 199 6.18 13.40 11.11
N MET A 200 5.99 12.78 12.28
CA MET A 200 4.69 12.18 12.59
C MET A 200 3.51 13.09 12.45
N LYS A 201 3.67 14.32 12.94
CA LYS A 201 2.57 15.28 12.97
C LYS A 201 2.27 15.83 11.59
N LEU A 202 3.30 16.20 10.83
CA LEU A 202 3.07 16.74 9.50
C LEU A 202 2.57 15.61 8.58
N LEU A 203 3.08 14.40 8.78
CA LEU A 203 2.60 13.21 8.05
C LEU A 203 1.12 12.99 8.26
N ASP A 204 0.70 13.08 9.53
CA ASP A 204 -0.70 12.88 9.88
C ASP A 204 -1.54 13.98 9.34
N PHE A 205 -0.99 15.18 9.38
CA PHE A 205 -1.69 16.34 8.82
C PHE A 205 -1.87 16.21 7.27
N CYS A 206 -0.79 15.81 6.59
CA CYS A 206 -0.83 15.68 5.10
C CYS A 206 -1.82 14.60 4.70
N LYS A 207 -1.77 13.47 5.41
CA LYS A 207 -2.74 12.40 5.24
C LYS A 207 -4.17 12.90 5.40
N SER A 208 -4.44 13.69 6.42
CA SER A 208 -5.83 14.20 6.64
C SER A 208 -6.36 15.11 5.52
N LYS A 209 -5.44 15.72 4.79
CA LYS A 209 -5.75 16.61 3.68
C LYS A 209 -5.49 15.99 2.29
N ASP A 210 -5.25 14.66 2.24
CA ASP A 210 -4.91 13.97 0.97
C ASP A 210 -3.70 14.56 0.24
N ILE A 211 -2.69 14.90 1.04
CA ILE A 211 -1.43 15.39 0.52
C ILE A 211 -0.47 14.22 0.75
N VAL A 212 0.18 13.76 -0.33
CA VAL A 212 1.25 12.74 -0.17
C VAL A 212 2.51 13.41 0.39
N LEU A 213 3.10 12.80 1.45
CA LEU A 213 4.40 13.24 1.93
C LEU A 213 5.46 12.48 1.16
N VAL A 214 6.39 13.20 0.53
CA VAL A 214 7.43 12.55 -0.22
C VAL A 214 8.69 12.91 0.60
N ALA A 215 9.45 11.90 0.97
CA ALA A 215 10.54 12.11 1.89
C ALA A 215 11.86 12.21 1.18
N TYR A 216 12.64 13.25 1.49
CA TYR A 216 14.10 13.15 1.22
C TYR A 216 14.82 13.01 2.55
N GLY A 217 16.13 12.90 2.50
CA GLY A 217 16.93 12.62 3.71
C GLY A 217 16.57 11.30 4.38
N VAL A 218 16.00 10.36 3.59
CA VAL A 218 15.53 9.06 4.11
C VAL A 218 16.70 8.29 4.66
N LEU A 219 17.88 8.56 4.09
CA LEU A 219 19.16 7.89 4.47
C LEU A 219 20.14 8.85 5.19
N GLY A 220 19.61 9.99 5.64
CA GLY A 220 20.40 11.02 6.32
C GLY A 220 20.96 12.12 5.45
N THR A 221 20.53 12.18 4.19
CA THR A 221 20.98 13.17 3.21
C THR A 221 22.40 12.94 2.75
N GLN A 222 22.76 13.49 1.58
CA GLN A 222 24.16 13.35 1.10
C GLN A 222 25.11 14.29 1.89
N ARG A 223 24.57 15.03 2.86
CA ARG A 223 25.39 15.88 3.77
C ARG A 223 26.02 17.10 3.06
N TYR A 224 25.48 17.48 1.90
CA TYR A 224 26.02 18.57 1.08
C TYR A 224 26.74 19.71 1.86
N GLY A 225 27.93 20.10 1.45
CA GLY A 225 28.50 21.32 2.03
C GLY A 225 27.85 22.43 1.23
N GLY A 226 27.56 23.61 1.81
CA GLY A 226 27.23 23.82 3.18
C GLY A 226 25.72 24.05 3.23
N TRP A 227 25.01 22.92 3.41
CA TRP A 227 23.60 22.86 3.80
C TRP A 227 23.52 22.06 5.11
N VAL A 228 24.45 21.13 5.26
CA VAL A 228 24.42 20.19 6.36
C VAL A 228 25.64 20.35 7.31
N ASP A 229 25.31 20.59 8.59
CA ASP A 229 26.28 20.51 9.69
C ASP A 229 27.08 19.22 9.59
N GLN A 230 28.34 19.40 9.22
CA GLN A 230 29.24 18.29 9.02
C GLN A 230 29.53 17.54 10.35
N ASN A 231 29.09 18.12 11.47
CA ASN A 231 29.20 17.42 12.77
C ASN A 231 27.89 16.87 13.35
N SER A 232 26.81 16.88 12.54
CA SER A 232 25.60 16.13 12.90
C SER A 232 25.95 14.61 12.81
N PRO A 233 25.21 13.73 13.54
CA PRO A 233 25.47 12.26 13.39
C PRO A 233 25.07 11.64 12.04
N VAL A 234 25.79 10.62 11.60
CA VAL A 234 25.52 9.98 10.32
C VAL A 234 24.35 9.03 10.59
N LEU A 235 23.24 9.20 9.86
CA LEU A 235 21.99 8.44 10.19
C LEU A 235 22.23 6.93 10.14
N LEU A 236 22.92 6.46 9.14
CA LEU A 236 23.01 5.03 8.91
C LEU A 236 24.06 4.33 9.77
N ASP A 237 24.74 5.07 10.64
CA ASP A 237 25.65 4.47 11.65
C ASP A 237 24.92 4.25 13.01
N GLU A 238 23.64 4.65 13.09
CA GLU A 238 22.78 4.56 14.30
C GLU A 238 22.60 3.12 14.69
N PRO A 239 23.04 2.75 15.91
CA PRO A 239 23.10 1.35 16.32
C PRO A 239 21.81 0.53 16.08
N VAL A 240 20.65 1.10 16.45
CA VAL A 240 19.39 0.34 16.29
C VAL A 240 19.04 -0.03 14.84
N LEU A 241 19.34 0.86 13.88
CA LEU A 241 19.31 0.47 12.46
C LEU A 241 20.26 -0.67 12.11
N GLY A 242 21.40 -0.72 12.77
CA GLY A 242 22.35 -1.79 12.49
C GLY A 242 21.78 -3.07 13.03
N SER A 243 21.26 -2.98 14.26
CA SER A 243 20.64 -4.10 15.00
C SER A 243 19.51 -4.73 14.18
N MET A 244 18.57 -3.90 13.75
CA MET A 244 17.39 -4.34 12.98
C MET A 244 17.75 -4.88 11.62
N ALA A 245 18.73 -4.26 10.96
CA ALA A 245 19.24 -4.77 9.68
C ALA A 245 19.77 -6.23 9.79
N LYS A 246 20.43 -6.53 10.92
CA LYS A 246 20.97 -7.89 11.16
C LYS A 246 19.83 -8.89 11.34
N LYS A 247 18.90 -8.51 12.21
CA LYS A 247 17.66 -9.22 12.47
C LYS A 247 16.95 -9.62 11.20
N TYR A 248 16.76 -8.69 10.27
CA TYR A 248 16.00 -8.94 9.05
C TYR A 248 16.83 -9.45 7.89
N ASN A 249 18.14 -9.57 8.10
CA ASN A 249 19.08 -9.85 7.02
C ASN A 249 19.00 -8.82 5.91
N ARG A 250 19.10 -7.55 6.28
CA ARG A 250 19.32 -6.48 5.32
C ARG A 250 20.44 -5.55 5.79
N THR A 251 20.42 -4.31 5.29
CA THR A 251 21.32 -3.28 5.77
C THR A 251 20.55 -2.16 6.46
N PRO A 252 21.28 -1.28 7.14
CA PRO A 252 20.68 -0.07 7.71
C PRO A 252 19.85 0.68 6.70
N ALA A 253 20.35 0.79 5.46
CA ALA A 253 19.65 1.59 4.44
C ALA A 253 18.26 1.05 4.14
N LEU A 254 18.18 -0.24 3.87
CA LEU A 254 16.93 -0.87 3.52
C LEU A 254 15.93 -0.76 4.66
N ILE A 255 16.40 -0.78 5.91
CA ILE A 255 15.51 -0.67 7.03
C ILE A 255 14.94 0.75 7.09
N ALA A 256 15.80 1.73 6.88
CA ALA A 256 15.37 3.13 6.80
C ALA A 256 14.31 3.32 5.71
N LEU A 257 14.57 2.71 4.55
CA LEU A 257 13.69 2.88 3.40
C LEU A 257 12.33 2.23 3.64
N ARG A 258 12.35 0.99 4.15
CA ARG A 258 11.13 0.23 4.37
C ARG A 258 10.28 0.88 5.46
N TYR A 259 10.94 1.44 6.46
CA TYR A 259 10.24 2.15 7.53
C TYR A 259 9.27 3.19 6.95
N GLN A 260 9.75 3.95 5.96
CA GLN A 260 8.96 5.02 5.36
C GLN A 260 7.84 4.46 4.48
N LEU A 261 8.15 3.42 3.71
CA LEU A 261 7.17 2.79 2.83
CA LEU A 261 7.16 2.83 2.83
C LEU A 261 5.94 2.34 3.60
N GLN A 262 6.19 1.72 4.75
CA GLN A 262 5.12 1.19 5.59
C GLN A 262 4.33 2.28 6.31
N ARG A 263 4.76 3.53 6.16
CA ARG A 263 4.07 4.64 6.75
C ARG A 263 3.22 5.32 5.68
N GLY A 264 3.26 4.84 4.43
CA GLY A 264 2.46 5.48 3.36
C GLY A 264 3.20 6.65 2.69
N ILE A 265 4.46 6.85 3.06
CA ILE A 265 5.32 7.84 2.50
C ILE A 265 5.92 7.43 1.14
N VAL A 266 5.99 8.38 0.22
CA VAL A 266 6.78 8.17 -1.04
C VAL A 266 8.24 8.51 -0.78
N VAL A 267 9.17 7.60 -1.13
CA VAL A 267 10.56 7.73 -0.73
CA VAL A 267 10.56 7.71 -0.72
C VAL A 267 11.50 7.99 -1.89
N LEU A 268 12.33 9.04 -1.71
CA LEU A 268 13.44 9.35 -2.59
C LEU A 268 14.70 8.68 -2.06
N ASN A 269 15.64 8.51 -2.94
CA ASN A 269 16.97 8.06 -2.57
C ASN A 269 18.01 8.43 -3.63
N THR A 270 19.20 8.78 -3.17
CA THR A 270 20.35 8.90 -4.04
C THR A 270 21.53 8.08 -3.53
N SER A 271 22.18 7.39 -4.46
CA SER A 271 23.52 6.94 -4.20
C SER A 271 24.39 7.22 -5.42
N LEU A 272 25.67 7.50 -5.20
CA LEU A 272 26.61 7.64 -6.30
C LEU A 272 27.09 6.29 -6.77
N LYS A 273 26.92 5.24 -5.96
CA LYS A 273 27.38 3.88 -6.31
C LYS A 273 26.32 2.95 -6.87
N GLU A 274 26.63 2.32 -8.00
CA GLU A 274 25.71 1.44 -8.70
C GLU A 274 25.05 0.39 -7.80
N GLU A 275 25.85 -0.28 -6.98
CA GLU A 275 25.39 -1.45 -6.23
C GLU A 275 24.41 -1.08 -5.10
N ARG A 276 24.56 0.14 -4.57
CA ARG A 276 23.56 0.71 -3.67
C ARG A 276 22.24 0.96 -4.39
N ILE A 277 22.33 1.59 -5.56
CA ILE A 277 21.14 1.88 -6.37
C ILE A 277 20.35 0.61 -6.65
N LYS A 278 21.06 -0.48 -6.95
CA LYS A 278 20.43 -1.78 -7.13
C LYS A 278 19.88 -2.31 -5.81
N GLU A 279 20.56 -1.99 -4.72
CA GLU A 279 20.22 -2.55 -3.42
C GLU A 279 18.95 -1.88 -2.92
N ASN A 280 18.82 -0.58 -3.12
CA ASN A 280 17.65 0.19 -2.65
C ASN A 280 16.31 -0.29 -3.19
N MET A 281 16.39 -0.99 -4.30
CA MET A 281 15.26 -1.57 -4.98
C MET A 281 14.76 -2.86 -4.29
N GLN A 282 15.56 -3.41 -3.37
CA GLN A 282 15.14 -4.54 -2.53
C GLN A 282 14.16 -4.16 -1.44
N VAL A 283 13.83 -2.87 -1.33
CA VAL A 283 12.85 -2.37 -0.35
C VAL A 283 11.48 -3.09 -0.48
N PHE A 284 11.14 -3.47 -1.71
CA PHE A 284 9.88 -4.13 -2.01
C PHE A 284 9.76 -5.58 -1.54
N GLU A 285 10.87 -6.11 -1.03
CA GLU A 285 10.98 -7.56 -0.87
C GLU A 285 10.68 -8.12 0.53
N PHE A 286 10.48 -7.25 1.50
CA PHE A 286 10.38 -7.68 2.88
C PHE A 286 9.57 -6.64 3.69
N GLN A 287 9.08 -7.10 4.83
CA GLN A 287 8.18 -6.40 5.74
C GLN A 287 8.80 -6.30 7.09
N LEU A 288 8.70 -5.11 7.69
CA LEU A 288 9.10 -4.92 9.08
C LEU A 288 7.85 -5.13 9.96
N SER A 289 8.01 -5.82 11.11
CA SER A 289 6.87 -6.16 11.92
C SER A 289 6.43 -4.87 12.58
N SER A 290 5.22 -4.85 13.13
CA SER A 290 4.75 -3.57 13.69
C SER A 290 5.45 -3.16 15.01
N GLU A 291 5.94 -4.13 15.80
CA GLU A 291 6.76 -3.81 17.01
C GLU A 291 8.12 -3.19 16.64
N ASP A 292 8.61 -3.56 15.49
CA ASP A 292 9.86 -2.99 15.03
C ASP A 292 9.66 -1.57 14.47
N MET A 293 8.45 -1.33 13.95
CA MET A 293 8.08 0.00 13.49
C MET A 293 8.04 0.94 14.66
N LYS A 294 7.45 0.51 15.78
CA LYS A 294 7.41 1.30 16.99
C LYS A 294 8.81 1.58 17.56
N VAL A 295 9.71 0.59 17.49
CA VAL A 295 11.14 0.78 17.81
C VAL A 295 11.72 1.98 17.03
N LEU A 296 11.45 2.03 15.73
CA LEU A 296 12.00 3.09 14.90
C LEU A 296 11.33 4.39 15.11
N ASP A 297 10.02 4.38 15.41
CA ASP A 297 9.37 5.64 15.86
C ASP A 297 10.05 6.30 17.08
N GLY A 298 10.78 5.50 17.83
CA GLY A 298 11.42 5.93 19.07
C GLY A 298 12.70 6.69 18.92
N LEU A 299 13.32 6.56 17.74
CA LEU A 299 14.52 7.32 17.38
C LEU A 299 14.27 8.78 17.12
N ASN A 300 13.02 9.19 17.05
CA ASN A 300 12.76 10.56 16.76
C ASN A 300 13.51 11.49 17.71
N ARG A 301 14.27 12.41 17.13
CA ARG A 301 15.12 13.31 17.94
C ARG A 301 15.26 14.76 17.48
N ASN A 302 14.36 15.17 16.58
CA ASN A 302 14.44 16.48 15.95
C ASN A 302 15.81 16.80 15.37
N MET A 303 16.42 15.82 14.72
CA MET A 303 17.67 16.05 14.02
C MET A 303 17.38 16.42 12.54
N ARG A 304 17.34 17.73 12.27
CA ARG A 304 17.16 18.24 10.91
C ARG A 304 18.50 18.49 10.18
N TYR A 305 18.84 17.61 9.24
CA TYR A 305 20.09 17.73 8.52
C TYR A 305 20.14 18.95 7.59
N ILE A 306 19.02 19.26 6.94
CA ILE A 306 18.92 20.44 6.05
C ILE A 306 17.94 21.50 6.57
N PRO A 307 18.37 22.34 7.53
CA PRO A 307 17.47 23.39 8.00
C PRO A 307 17.40 24.59 7.07
N ALA A 308 18.17 24.58 5.97
CA ALA A 308 18.19 25.77 5.06
C ALA A 308 18.54 26.99 5.93
N ALA A 309 19.63 26.79 6.67
CA ALA A 309 20.23 27.78 7.56
C ALA A 309 20.54 29.12 6.83
N ILE A 310 20.95 29.05 5.56
CA ILE A 310 21.24 30.27 4.82
C ILE A 310 19.98 31.14 4.64
N PHE A 311 18.81 30.55 4.89
CA PHE A 311 17.52 31.26 4.84
C PHE A 311 16.98 31.73 6.22
N LYS A 312 17.71 31.41 7.28
CA LYS A 312 17.17 31.54 8.64
C LYS A 312 16.36 32.81 8.90
N GLY A 313 16.85 33.95 8.45
CA GLY A 313 16.16 35.22 8.74
C GLY A 313 14.99 35.57 7.87
N HIS A 314 14.65 34.68 6.92
CA HIS A 314 13.53 34.89 6.01
C HIS A 314 12.18 34.95 6.74
N PRO A 315 11.34 35.96 6.42
CA PRO A 315 9.96 35.99 6.98
C PRO A 315 9.27 34.59 7.01
N ASN A 316 9.69 33.71 6.10
CA ASN A 316 9.00 32.44 5.88
C ASN A 316 9.79 31.20 6.16
N TRP A 317 10.94 31.30 6.81
CA TRP A 317 11.71 30.12 7.19
C TRP A 317 10.67 29.20 7.77
N PRO A 318 10.59 27.96 7.22
CA PRO A 318 9.50 27.02 7.58
C PRO A 318 9.78 26.20 8.84
N PHE A 319 10.98 26.29 9.36
CA PHE A 319 11.47 25.35 10.35
C PHE A 319 11.52 25.88 11.80
N LEU A 320 11.06 27.09 12.00
CA LEU A 320 10.93 27.59 13.35
C LEU A 320 9.80 26.80 14.05
N ASP A 321 8.60 26.78 13.45
CA ASP A 321 7.44 26.02 13.96
C ASP A 321 7.75 24.55 14.39
N GLU A 322 6.96 24.01 15.32
CA GLU A 322 7.18 22.66 15.80
C GLU A 322 7.04 21.74 14.61
N TYR A 323 6.01 21.97 13.79
CA TYR A 323 5.82 21.24 12.54
C TYR A 323 5.02 22.07 11.54
N MET B 1 3.15 -16.05 -5.94
CA MET B 1 3.61 -14.68 -6.36
C MET B 1 5.05 -14.36 -6.02
N ASN B 2 5.61 -13.51 -6.89
CA ASN B 2 6.66 -12.56 -6.52
C ASN B 2 6.07 -11.15 -6.20
N SER B 3 6.94 -10.22 -5.83
CA SER B 3 6.59 -8.83 -5.49
C SER B 3 5.85 -7.97 -6.54
N LYS B 4 5.86 -8.37 -7.82
CA LYS B 4 5.29 -7.52 -8.87
C LYS B 4 3.80 -7.85 -9.08
N CYS B 5 3.03 -7.55 -8.04
CA CYS B 5 1.59 -7.64 -8.00
C CYS B 5 1.18 -6.54 -7.05
N HIS B 6 -0.08 -6.18 -7.08
CA HIS B 6 -0.58 -5.43 -5.96
C HIS B 6 -0.76 -6.43 -4.83
N CYS B 7 0.24 -6.47 -4.00
CA CYS B 7 0.41 -7.49 -3.00
C CYS B 7 0.80 -6.82 -1.71
N VAL B 8 0.43 -7.46 -0.61
CA VAL B 8 1.06 -7.23 0.67
C VAL B 8 1.95 -8.42 1.10
N ILE B 9 2.81 -8.18 2.08
CA ILE B 9 3.72 -9.22 2.57
C ILE B 9 3.20 -9.83 3.87
N LEU B 10 3.03 -11.15 3.87
CA LEU B 10 2.62 -11.87 5.07
C LEU B 10 3.83 -12.13 5.99
N ASN B 11 3.53 -12.45 7.24
CA ASN B 11 4.56 -12.48 8.28
C ASN B 11 5.48 -13.69 8.14
N ASP B 12 5.22 -14.52 7.13
CA ASP B 12 6.11 -15.58 6.77
C ASP B 12 6.90 -15.26 5.52
N GLY B 13 6.75 -14.03 5.00
CA GLY B 13 7.52 -13.58 3.83
C GLY B 13 6.92 -13.79 2.44
N ASN B 14 5.81 -14.53 2.34
CA ASN B 14 5.07 -14.69 1.10
C ASN B 14 4.24 -13.49 0.74
N PHE B 15 3.96 -13.35 -0.55
CA PHE B 15 3.17 -12.25 -1.12
C PHE B 15 1.77 -12.73 -1.39
N ILE B 16 0.78 -11.91 -1.01
CA ILE B 16 -0.60 -12.18 -1.36
C ILE B 16 -1.24 -10.98 -2.06
N PRO B 17 -1.96 -11.24 -3.14
CA PRO B 17 -2.66 -10.19 -3.88
C PRO B 17 -3.80 -9.60 -3.07
N VAL B 18 -3.88 -8.27 -3.04
CA VAL B 18 -4.79 -7.57 -2.13
C VAL B 18 -6.23 -7.69 -2.61
N LEU B 19 -6.41 -8.12 -3.85
CA LEU B 19 -7.73 -8.38 -4.40
C LEU B 19 -7.84 -9.86 -4.79
N GLY B 20 -8.78 -10.57 -4.16
CA GLY B 20 -9.07 -11.96 -4.50
C GLY B 20 -10.46 -12.20 -4.98
N PHE B 21 -10.58 -13.22 -5.82
CA PHE B 21 -11.90 -13.61 -6.32
C PHE B 21 -12.44 -14.76 -5.48
N GLY B 22 -13.59 -14.56 -4.83
CA GLY B 22 -14.13 -15.65 -3.99
C GLY B 22 -14.90 -16.70 -4.80
N THR B 23 -14.77 -17.98 -4.44
CA THR B 23 -15.34 -19.08 -5.23
C THR B 23 -16.43 -19.93 -4.56
N ALA B 24 -17.06 -19.39 -3.51
CA ALA B 24 -18.37 -19.83 -2.99
C ALA B 24 -19.50 -19.34 -3.89
N LEU B 25 -20.50 -20.20 -4.07
CA LEU B 25 -21.70 -19.84 -4.82
C LEU B 25 -22.93 -19.87 -3.94
N PRO B 26 -23.97 -19.15 -4.35
CA PRO B 26 -25.34 -19.48 -3.96
C PRO B 26 -25.68 -20.94 -4.28
N LEU B 27 -26.34 -21.61 -3.33
CA LEU B 27 -26.52 -23.05 -3.42
C LEU B 27 -27.54 -23.43 -4.49
N GLU B 28 -28.09 -22.40 -5.15
CA GLU B 28 -28.97 -22.62 -6.29
C GLU B 28 -28.17 -22.64 -7.60
N CYS B 29 -26.85 -22.51 -7.48
CA CYS B 29 -25.98 -22.61 -8.62
C CYS B 29 -25.41 -23.99 -8.77
N PRO B 30 -25.36 -24.52 -10.00
CA PRO B 30 -24.64 -25.79 -10.16
C PRO B 30 -23.16 -25.52 -9.91
N LYS B 31 -22.47 -26.46 -9.29
CA LYS B 31 -21.12 -26.18 -8.83
C LYS B 31 -20.19 -25.85 -9.97
N SER B 32 -20.56 -26.28 -11.16
CA SER B 32 -19.81 -26.04 -12.37
C SER B 32 -19.73 -24.55 -12.72
N LYS B 33 -20.64 -23.75 -12.16
CA LYS B 33 -20.62 -22.32 -12.37
C LYS B 33 -19.28 -21.73 -11.94
N ALA B 34 -18.63 -22.36 -10.98
CA ALA B 34 -17.36 -21.88 -10.45
C ALA B 34 -16.21 -21.98 -11.47
N LYS B 35 -16.28 -22.94 -12.38
CA LYS B 35 -15.33 -23.02 -13.49
C LYS B 35 -15.53 -21.85 -14.42
N GLU B 36 -16.78 -21.59 -14.80
CA GLU B 36 -17.15 -20.46 -15.63
C GLU B 36 -16.64 -19.15 -15.04
N LEU B 37 -16.89 -18.95 -13.72
CA LEU B 37 -16.46 -17.72 -13.02
C LEU B 37 -14.95 -17.53 -12.91
N THR B 38 -14.22 -18.61 -12.66
CA THR B 38 -12.80 -18.50 -12.36
C THR B 38 -12.13 -18.25 -13.65
N LYS B 39 -12.60 -18.90 -14.72
CA LYS B 39 -12.11 -18.54 -16.06
C LYS B 39 -12.28 -17.04 -16.36
N ILE B 40 -13.43 -16.45 -16.03
CA ILE B 40 -13.70 -15.04 -16.30
C ILE B 40 -12.76 -14.14 -15.49
N ALA B 41 -12.50 -14.55 -14.26
CA ALA B 41 -11.76 -13.73 -13.32
C ALA B 41 -10.32 -13.72 -13.73
N ILE B 42 -9.83 -14.88 -14.16
CA ILE B 42 -8.46 -14.97 -14.67
C ILE B 42 -8.27 -14.06 -15.86
N ASP B 43 -9.21 -14.11 -16.79
CA ASP B 43 -9.17 -13.21 -17.93
C ASP B 43 -9.27 -11.73 -17.56
N ALA B 44 -9.99 -11.45 -16.49
CA ALA B 44 -10.19 -10.08 -15.99
C ALA B 44 -8.99 -9.56 -15.18
N GLY B 45 -7.97 -10.39 -14.97
CA GLY B 45 -6.79 -9.99 -14.21
C GLY B 45 -6.64 -10.52 -12.78
N PHE B 46 -7.57 -11.36 -12.31
CA PHE B 46 -7.47 -11.89 -10.92
C PHE B 46 -6.40 -12.96 -10.84
N HIS B 47 -5.59 -12.90 -9.77
CA HIS B 47 -4.55 -13.89 -9.55
C HIS B 47 -4.78 -14.69 -8.26
N HIS B 48 -5.64 -14.15 -7.39
CA HIS B 48 -5.86 -14.74 -6.05
C HIS B 48 -7.25 -15.27 -6.06
N PHE B 49 -7.35 -16.55 -5.67
CA PHE B 49 -8.62 -17.24 -5.60
C PHE B 49 -8.81 -17.83 -4.21
N ASP B 50 -9.97 -17.54 -3.64
CA ASP B 50 -10.32 -18.04 -2.30
C ASP B 50 -11.28 -19.23 -2.43
N SER B 51 -10.92 -20.38 -1.86
CA SER B 51 -11.85 -21.50 -1.83
C SER B 51 -11.86 -22.16 -0.44
N ALA B 52 -12.45 -23.35 -0.36
CA ALA B 52 -12.54 -24.06 0.93
C ALA B 52 -13.09 -25.45 0.64
N SER B 53 -12.81 -26.42 1.51
CA SER B 53 -13.33 -27.77 1.21
C SER B 53 -14.84 -27.74 1.22
N VAL B 54 -15.43 -26.95 2.11
CA VAL B 54 -16.87 -27.02 2.29
C VAL B 54 -17.69 -26.38 1.16
N TYR B 55 -17.03 -25.66 0.27
CA TYR B 55 -17.73 -24.93 -0.79
C TYR B 55 -18.15 -25.89 -1.90
N ASN B 56 -17.40 -26.99 -1.97
CA ASN B 56 -17.53 -28.04 -3.00
C ASN B 56 -17.27 -27.52 -4.40
N THR B 57 -16.41 -26.51 -4.52
CA THR B 57 -16.11 -25.89 -5.83
C THR B 57 -14.68 -26.13 -6.22
N GLU B 58 -13.92 -26.83 -5.40
CA GLU B 58 -12.48 -26.83 -5.63
C GLU B 58 -12.09 -27.50 -6.95
N ASP B 59 -12.69 -28.64 -7.26
CA ASP B 59 -12.34 -29.33 -8.50
C ASP B 59 -12.64 -28.45 -9.75
N HIS B 60 -13.75 -27.72 -9.74
CA HIS B 60 -14.08 -26.82 -10.87
C HIS B 60 -13.17 -25.61 -10.96
N VAL B 61 -12.85 -25.00 -9.83
CA VAL B 61 -11.88 -23.93 -9.80
C VAL B 61 -10.52 -24.43 -10.32
N GLY B 62 -10.08 -25.58 -9.81
CA GLY B 62 -8.88 -26.22 -10.31
C GLY B 62 -8.91 -26.41 -11.82
N GLU B 63 -10.03 -26.93 -12.32
CA GLU B 63 -10.21 -27.09 -13.76
C GLU B 63 -10.00 -25.78 -14.50
N ALA B 64 -10.75 -24.75 -14.10
CA ALA B 64 -10.51 -23.38 -14.59
C ALA B 64 -9.03 -22.99 -14.57
N ILE B 65 -8.40 -23.07 -13.39
CA ILE B 65 -7.12 -22.46 -13.24
C ILE B 65 -6.17 -23.29 -14.09
N ARG B 66 -6.29 -24.61 -14.01
CA ARG B 66 -5.41 -25.48 -14.81
C ARG B 66 -5.63 -25.34 -16.33
N SER B 67 -6.85 -25.09 -16.79
CA SER B 67 -7.11 -24.90 -18.24
C SER B 67 -6.37 -23.65 -18.71
N LYS B 68 -6.35 -22.60 -17.88
CA LYS B 68 -5.65 -21.36 -18.18
C LYS B 68 -4.15 -21.51 -18.01
N ILE B 69 -3.71 -22.40 -17.13
CA ILE B 69 -2.29 -22.70 -17.15
C ILE B 69 -1.98 -23.41 -18.49
N ALA B 70 -2.64 -24.53 -18.80
CA ALA B 70 -2.33 -25.29 -20.06
C ALA B 70 -2.38 -24.41 -21.30
N ASP B 71 -3.27 -23.42 -21.28
CA ASP B 71 -3.41 -22.39 -22.31
C ASP B 71 -2.30 -21.40 -22.49
N GLY B 72 -1.39 -21.32 -21.51
CA GLY B 72 -0.35 -20.30 -21.51
C GLY B 72 -0.80 -18.95 -20.97
N THR B 73 -2.03 -18.87 -20.50
CA THR B 73 -2.59 -17.62 -20.01
C THR B 73 -1.91 -17.20 -18.70
N VAL B 74 -1.72 -18.16 -17.79
CA VAL B 74 -1.02 -17.93 -16.53
C VAL B 74 -0.04 -19.06 -16.18
N ARG B 75 0.75 -18.84 -15.14
CA ARG B 75 1.59 -19.85 -14.50
C ARG B 75 1.06 -20.16 -13.09
N ARG B 76 1.20 -21.41 -12.64
CA ARG B 76 0.86 -21.80 -11.25
C ARG B 76 1.48 -20.87 -10.21
N GLU B 77 2.67 -20.37 -10.51
CA GLU B 77 3.41 -19.56 -9.53
C GLU B 77 2.91 -18.13 -9.55
N ASP B 78 2.11 -17.79 -10.55
CA ASP B 78 1.43 -16.50 -10.57
C ASP B 78 0.03 -16.52 -9.96
N ILE B 79 -0.45 -17.68 -9.51
CA ILE B 79 -1.78 -17.82 -8.92
C ILE B 79 -1.59 -18.00 -7.41
N PHE B 80 -2.43 -17.34 -6.61
CA PHE B 80 -2.47 -17.51 -5.20
C PHE B 80 -3.76 -18.21 -4.87
N TYR B 81 -3.68 -19.44 -4.42
CA TYR B 81 -4.91 -20.14 -4.15
C TYR B 81 -5.09 -20.47 -2.68
N THR B 82 -6.23 -20.09 -2.11
CA THR B 82 -6.51 -20.36 -0.70
C THR B 82 -7.53 -21.50 -0.57
N SER B 83 -7.32 -22.40 0.38
CA SER B 83 -8.38 -23.30 0.81
C SER B 83 -8.56 -23.20 2.34
N LYS B 84 -9.55 -23.93 2.84
CA LYS B 84 -9.80 -23.95 4.28
C LYS B 84 -10.24 -25.36 4.72
N VAL B 85 -9.68 -25.84 5.86
CA VAL B 85 -10.11 -27.09 6.52
CA VAL B 85 -10.12 -27.08 6.45
C VAL B 85 -11.45 -26.84 7.19
N TRP B 86 -12.41 -27.71 6.90
CA TRP B 86 -13.74 -27.59 7.47
C TRP B 86 -13.80 -28.19 8.90
N CYS B 87 -14.78 -27.75 9.69
CA CYS B 87 -14.98 -28.15 11.06
C CYS B 87 -14.84 -29.65 11.30
N THR B 88 -15.29 -30.46 10.33
CA THR B 88 -15.32 -31.91 10.49
C THR B 88 -13.92 -32.47 10.39
N SER B 89 -12.96 -31.66 9.95
CA SER B 89 -11.59 -32.18 9.97
C SER B 89 -10.56 -31.47 10.82
N LEU B 90 -11.03 -30.70 11.81
CA LEU B 90 -10.13 -30.00 12.76
C LEU B 90 -9.27 -30.84 13.70
N HIS B 91 -9.58 -32.15 13.83
CA HIS B 91 -8.71 -33.04 14.60
C HIS B 91 -7.34 -33.06 13.93
N PRO B 92 -6.24 -32.99 14.73
CA PRO B 92 -4.87 -32.96 14.23
C PRO B 92 -4.57 -34.11 13.28
N GLU B 93 -5.17 -35.28 13.54
CA GLU B 93 -4.87 -36.47 12.78
C GLU B 93 -5.70 -36.49 11.49
N LEU B 94 -6.61 -35.53 11.33
CA LEU B 94 -7.51 -35.41 10.15
C LEU B 94 -7.25 -34.19 9.25
N VAL B 95 -6.57 -33.16 9.77
CA VAL B 95 -6.19 -31.95 8.99
C VAL B 95 -5.42 -32.25 7.68
N ARG B 96 -4.34 -33.03 7.76
CA ARG B 96 -3.55 -33.29 6.57
C ARG B 96 -4.33 -34.06 5.50
N ALA B 97 -5.08 -35.08 5.92
CA ALA B 97 -5.91 -35.86 4.99
C ALA B 97 -6.80 -34.94 4.19
N SER B 98 -7.39 -33.97 4.88
CA SER B 98 -8.31 -33.00 4.25
C SER B 98 -7.64 -32.12 3.19
N LEU B 99 -6.48 -31.56 3.56
CA LEU B 99 -5.74 -30.74 2.62
C LEU B 99 -5.29 -31.62 1.45
N GLU B 100 -4.83 -32.84 1.76
CA GLU B 100 -4.44 -33.79 0.71
C GLU B 100 -5.59 -34.10 -0.24
N ARG B 101 -6.81 -34.17 0.29
CA ARG B 101 -8.00 -34.36 -0.52
C ARG B 101 -8.24 -33.17 -1.46
N SER B 102 -8.18 -31.97 -0.91
CA SER B 102 -8.33 -30.78 -1.74
C SER B 102 -7.33 -30.77 -2.90
N LEU B 103 -6.09 -31.13 -2.61
CA LEU B 103 -5.01 -31.15 -3.59
C LEU B 103 -5.20 -32.18 -4.73
N GLN B 104 -5.71 -33.36 -4.40
CA GLN B 104 -6.28 -34.31 -5.39
C GLN B 104 -7.44 -33.72 -6.24
N LYS B 105 -8.39 -32.99 -5.64
CA LYS B 105 -9.53 -32.40 -6.37
C LYS B 105 -9.07 -31.29 -7.31
N LEU B 106 -8.13 -30.50 -6.82
CA LEU B 106 -7.48 -29.44 -7.60
C LEU B 106 -6.49 -29.92 -8.66
N GLN B 107 -5.87 -31.07 -8.45
CA GLN B 107 -4.68 -31.51 -9.19
C GLN B 107 -3.49 -30.52 -9.07
N PHE B 108 -3.34 -30.02 -7.84
CA PHE B 108 -2.31 -29.04 -7.46
C PHE B 108 -1.36 -29.79 -6.53
N ASP B 109 -0.09 -29.38 -6.46
CA ASP B 109 0.89 -29.91 -5.48
C ASP B 109 0.91 -29.22 -4.14
N TYR B 110 0.44 -27.97 -4.12
CA TYR B 110 0.10 -27.31 -2.87
C TYR B 110 -1.16 -26.46 -3.03
N VAL B 111 -1.54 -25.77 -1.96
CA VAL B 111 -2.12 -24.44 -2.07
C VAL B 111 -1.17 -23.38 -1.51
N ASP B 112 -1.49 -22.12 -1.76
CA ASP B 112 -0.68 -21.02 -1.28
C ASP B 112 -0.99 -20.71 0.17
N LEU B 113 -2.24 -20.85 0.56
CA LEU B 113 -2.71 -20.54 1.91
C LEU B 113 -3.76 -21.51 2.32
N TYR B 114 -3.69 -21.95 3.58
CA TYR B 114 -4.68 -22.87 4.17
C TYR B 114 -5.17 -22.33 5.52
N LEU B 115 -6.47 -22.15 5.65
CA LEU B 115 -7.03 -21.64 6.88
C LEU B 115 -7.85 -22.65 7.63
N ILE B 116 -7.92 -22.49 8.94
CA ILE B 116 -8.95 -23.12 9.74
C ILE B 116 -10.18 -22.32 9.46
N HIS B 117 -11.21 -22.97 8.91
CA HIS B 117 -12.41 -22.21 8.45
C HIS B 117 -13.22 -21.62 9.60
N TYR B 118 -13.35 -22.37 10.69
CA TYR B 118 -14.06 -21.89 11.87
C TYR B 118 -13.29 -22.47 13.03
N PRO B 119 -13.27 -21.73 14.19
CA PRO B 119 -12.66 -22.29 15.40
C PRO B 119 -13.60 -23.31 16.11
N MET B 120 -14.44 -24.02 15.36
CA MET B 120 -15.52 -24.85 15.91
C MET B 120 -15.60 -26.22 15.28
N ALA B 121 -15.02 -27.23 15.94
CA ALA B 121 -15.06 -28.62 15.48
C ALA B 121 -16.44 -29.20 15.40
N LEU B 122 -16.68 -30.04 14.39
CA LEU B 122 -17.92 -30.84 14.29
C LEU B 122 -17.62 -32.34 14.26
N LYS B 123 -18.58 -33.18 14.60
CA LYS B 123 -18.32 -34.62 14.46
C LYS B 123 -17.70 -34.98 13.09
N PRO B 124 -16.58 -35.68 13.10
CA PRO B 124 -15.85 -36.20 11.95
C PRO B 124 -16.71 -37.10 11.08
N GLY B 125 -16.73 -36.84 9.79
CA GLY B 125 -17.60 -37.61 8.92
C GLY B 125 -17.65 -36.89 7.59
N GLU B 126 -17.99 -37.64 6.52
CA GLU B 126 -18.05 -37.09 5.17
C GLU B 126 -19.07 -35.99 5.05
N GLU B 127 -20.16 -36.16 5.82
CA GLU B 127 -21.17 -35.15 6.01
C GLU B 127 -20.56 -33.92 6.69
N ASN B 128 -20.63 -32.78 6.00
CA ASN B 128 -20.08 -31.49 6.47
C ASN B 128 -20.94 -30.90 7.55
N PHE B 129 -22.21 -31.30 7.54
CA PHE B 129 -23.16 -30.77 8.53
C PHE B 129 -23.90 -31.89 9.27
N PRO B 130 -23.16 -32.62 10.12
CA PRO B 130 -23.79 -33.65 10.95
C PRO B 130 -24.84 -33.05 11.88
N VAL B 131 -26.09 -33.49 11.78
CA VAL B 131 -27.16 -33.03 12.67
C VAL B 131 -27.76 -34.15 13.54
N ASP B 132 -28.44 -33.71 14.62
CA ASP B 132 -29.13 -34.60 15.54
C ASP B 132 -30.63 -34.56 15.22
N GLU B 133 -31.45 -35.22 16.07
CA GLU B 133 -32.90 -35.36 15.89
C GLU B 133 -33.60 -34.02 15.98
N HIS B 134 -32.94 -33.06 16.60
CA HIS B 134 -33.51 -31.74 16.66
C HIS B 134 -33.01 -30.88 15.48
N GLY B 135 -32.21 -31.47 14.59
CA GLY B 135 -31.61 -30.76 13.45
C GLY B 135 -30.47 -29.85 13.87
N LYS B 136 -29.83 -30.19 14.99
CA LYS B 136 -28.77 -29.36 15.55
C LYS B 136 -27.43 -29.98 15.27
N LEU B 137 -26.43 -29.11 15.04
CA LEU B 137 -25.14 -29.64 14.61
C LEU B 137 -24.55 -30.49 15.70
N ILE B 138 -23.88 -31.57 15.32
CA ILE B 138 -23.17 -32.39 16.28
C ILE B 138 -21.74 -31.87 16.43
N PHE B 139 -21.56 -31.18 17.55
CA PHE B 139 -20.30 -30.57 17.89
C PHE B 139 -19.29 -31.56 18.36
N ASP B 140 -18.02 -31.26 18.07
CA ASP B 140 -16.92 -32.01 18.64
C ASP B 140 -16.04 -31.05 19.45
N ARG B 141 -15.10 -31.61 20.21
CA ARG B 141 -14.20 -30.79 20.96
C ARG B 141 -12.80 -31.18 20.56
N VAL B 142 -12.11 -30.19 20.00
CA VAL B 142 -10.73 -30.30 19.58
C VAL B 142 -10.12 -28.99 20.02
N ASP B 143 -9.02 -29.09 20.76
CA ASP B 143 -8.30 -27.87 21.16
C ASP B 143 -7.70 -27.16 19.94
N LEU B 144 -7.89 -25.85 19.90
CA LEU B 144 -7.43 -24.99 18.81
C LEU B 144 -5.93 -25.06 18.59
N CYS B 145 -5.16 -25.19 19.67
CA CYS B 145 -3.71 -25.36 19.55
C CYS B 145 -3.27 -26.69 18.91
N ALA B 146 -4.01 -27.76 19.19
CA ALA B 146 -3.75 -29.04 18.56
C ALA B 146 -4.02 -28.93 17.04
N THR B 147 -5.09 -28.28 16.64
CA THR B 147 -5.38 -28.08 15.21
C THR B 147 -4.29 -27.23 14.59
N TRP B 148 -3.92 -26.16 15.29
CA TRP B 148 -2.88 -25.29 14.76
C TRP B 148 -1.56 -26.07 14.50
N GLU B 149 -1.22 -27.02 15.38
CA GLU B 149 0.01 -27.76 15.23
C GLU B 149 -0.04 -28.60 13.96
N ALA B 150 -1.22 -29.08 13.63
CA ALA B 150 -1.39 -29.85 12.44
C ALA B 150 -1.29 -28.95 11.21
N MET B 151 -1.75 -27.71 11.31
CA MET B 151 -1.57 -26.73 10.23
C MET B 151 -0.07 -26.48 10.07
N GLU B 152 0.68 -26.41 11.17
CA GLU B 152 2.09 -26.08 11.10
C GLU B 152 2.90 -27.18 10.34
N LYS B 153 2.45 -28.42 10.49
CA LYS B 153 3.08 -29.62 9.88
C LYS B 153 2.81 -29.67 8.39
N CYS B 154 1.61 -29.25 8.00
CA CYS B 154 1.22 -29.13 6.57
C CYS B 154 2.05 -28.07 5.85
N LYS B 155 2.30 -26.93 6.52
CA LYS B 155 3.29 -25.92 6.06
C LYS B 155 4.66 -26.52 5.97
N ASP B 156 5.02 -27.31 6.97
CA ASP B 156 6.36 -27.91 6.96
C ASP B 156 6.57 -29.06 5.90
N ALA B 157 5.50 -29.73 5.53
CA ALA B 157 5.51 -30.75 4.48
C ALA B 157 5.45 -30.16 3.09
N GLY B 158 5.40 -28.82 2.99
CA GLY B 158 5.23 -28.14 1.70
C GLY B 158 3.87 -28.19 1.04
N LEU B 159 2.83 -28.61 1.77
CA LEU B 159 1.51 -28.80 1.15
C LEU B 159 0.75 -27.48 1.04
N THR B 160 1.16 -26.56 1.90
CA THR B 160 0.68 -25.19 1.85
C THR B 160 1.85 -24.24 2.10
N LYS B 161 1.91 -23.11 1.39
CA LYS B 161 3.02 -22.16 1.63
C LYS B 161 2.81 -21.45 2.92
N SER B 162 1.55 -21.14 3.22
CA SER B 162 1.26 -20.28 4.38
C SER B 162 0.05 -20.87 5.12
N ILE B 163 -0.07 -20.54 6.40
CA ILE B 163 -1.24 -20.96 7.12
C ILE B 163 -1.84 -19.79 7.84
N GLY B 164 -3.16 -19.82 7.96
CA GLY B 164 -3.84 -18.75 8.69
C GLY B 164 -5.14 -19.25 9.27
N VAL B 165 -5.98 -18.31 9.74
CA VAL B 165 -7.25 -18.70 10.28
C VAL B 165 -8.37 -17.89 9.64
N SER B 166 -9.60 -18.27 9.98
CA SER B 166 -10.79 -17.52 9.60
C SER B 166 -11.84 -17.49 10.71
N ASN B 167 -12.52 -16.38 10.81
CA ASN B 167 -13.55 -16.25 11.84
C ASN B 167 -13.05 -16.56 13.24
N PHE B 168 -11.83 -16.11 13.56
CA PHE B 168 -11.30 -16.17 14.92
C PHE B 168 -11.53 -14.78 15.57
N ASN B 169 -11.90 -14.77 16.85
CA ASN B 169 -11.91 -13.52 17.59
C ASN B 169 -10.54 -13.27 18.23
N TYR B 170 -10.40 -12.14 18.91
CA TYR B 170 -9.13 -11.71 19.53
C TYR B 170 -8.59 -12.75 20.51
N ARG B 171 -9.46 -13.28 21.34
CA ARG B 171 -8.97 -14.21 22.39
C ARG B 171 -8.46 -15.48 21.77
N GLN B 172 -9.06 -15.86 20.65
CA GLN B 172 -8.73 -17.07 19.95
C GLN B 172 -7.36 -17.01 19.27
N LEU B 173 -7.07 -15.89 18.62
CA LEU B 173 -5.78 -15.62 17.96
C LEU B 173 -4.68 -15.60 19.02
N GLU B 174 -4.96 -14.90 20.10
CA GLU B 174 -4.12 -14.86 21.29
C GLU B 174 -3.81 -16.24 21.88
N MET B 175 -4.81 -17.12 21.94
CA MET B 175 -4.57 -18.50 22.35
C MET B 175 -3.49 -19.10 21.48
N ILE B 176 -3.57 -18.87 20.17
CA ILE B 176 -2.53 -19.36 19.23
CA ILE B 176 -2.52 -19.40 19.28
C ILE B 176 -1.19 -18.63 19.42
N LEU B 177 -1.24 -17.30 19.38
CA LEU B 177 -0.03 -16.48 19.50
C LEU B 177 0.77 -16.83 20.75
N ASN B 178 0.09 -17.18 21.84
CA ASN B 178 0.76 -17.42 23.12
C ASN B 178 1.03 -18.89 23.44
N LYS B 179 0.75 -19.76 22.48
CA LYS B 179 0.93 -21.19 22.67
C LYS B 179 2.39 -21.62 22.83
N PRO B 180 2.65 -22.62 23.72
CA PRO B 180 3.98 -23.22 23.88
C PRO B 180 4.48 -23.88 22.60
N GLY B 181 5.69 -23.53 22.20
CA GLY B 181 6.33 -24.18 21.08
C GLY B 181 5.78 -23.74 19.74
N LEU B 182 5.11 -22.58 19.73
CA LEU B 182 4.61 -22.00 18.49
C LEU B 182 5.74 -21.97 17.46
N LYS B 183 5.49 -22.53 16.26
CA LYS B 183 6.44 -22.46 15.16
C LYS B 183 6.08 -21.34 14.18
N TYR B 184 4.79 -21.11 13.93
CA TYR B 184 4.35 -20.11 12.94
C TYR B 184 3.14 -19.35 13.41
N LYS B 185 3.15 -18.05 13.30
CA LYS B 185 1.93 -17.30 13.62
C LYS B 185 0.93 -17.44 12.47
N PRO B 186 -0.40 -17.26 12.72
CA PRO B 186 -1.37 -17.17 11.60
C PRO B 186 -0.91 -16.04 10.68
N VAL B 187 -1.01 -16.17 9.36
CA VAL B 187 -0.63 -15.02 8.51
C VAL B 187 -1.79 -14.04 8.33
N CYS B 188 -3.00 -14.57 8.43
CA CYS B 188 -4.21 -13.78 8.26
C CYS B 188 -5.30 -14.22 9.20
N ASN B 189 -6.28 -13.35 9.34
CA ASN B 189 -7.53 -13.79 9.92
C ASN B 189 -8.56 -13.42 8.89
N GLN B 190 -9.32 -14.39 8.40
CA GLN B 190 -10.35 -14.12 7.40
C GLN B 190 -11.71 -13.92 8.05
N VAL B 191 -12.14 -12.67 8.11
CA VAL B 191 -13.38 -12.33 8.80
C VAL B 191 -14.29 -11.48 7.92
N GLU B 192 -15.59 -11.51 8.21
CA GLU B 192 -16.54 -10.55 7.62
C GLU B 192 -16.16 -9.09 7.87
N CYS B 193 -16.14 -8.25 6.83
CA CYS B 193 -15.90 -6.81 7.07
C CYS B 193 -16.47 -5.93 5.95
N HIS B 194 -17.20 -4.88 6.31
CA HIS B 194 -17.78 -3.97 5.36
C HIS B 194 -18.13 -2.76 6.21
N PRO B 195 -18.73 -1.72 5.60
CA PRO B 195 -19.02 -0.48 6.36
C PRO B 195 -20.10 -0.59 7.43
N TYR B 196 -20.87 -1.67 7.44
CA TYR B 196 -21.83 -1.90 8.52
C TYR B 196 -21.20 -2.70 9.62
N LEU B 197 -20.05 -3.31 9.33
CA LEU B 197 -19.34 -4.10 10.33
C LEU B 197 -17.84 -3.93 10.06
N ASN B 198 -17.34 -2.75 10.40
CA ASN B 198 -15.99 -2.32 9.99
C ASN B 198 -14.79 -2.95 10.72
N GLN B 199 -15.03 -3.76 11.76
CA GLN B 199 -13.95 -4.47 12.43
C GLN B 199 -12.76 -3.62 12.90
N MET B 200 -13.02 -2.37 13.26
CA MET B 200 -11.96 -1.46 13.69
C MET B 200 -11.03 -2.05 14.73
N LYS B 201 -11.60 -2.61 15.80
CA LYS B 201 -10.78 -3.13 16.88
C LYS B 201 -10.04 -4.38 16.48
N LEU B 202 -10.71 -5.30 15.81
CA LEU B 202 -10.06 -6.56 15.43
C LEU B 202 -8.97 -6.32 14.37
N LEU B 203 -9.18 -5.38 13.46
CA LEU B 203 -8.18 -4.92 12.51
C LEU B 203 -6.97 -4.34 13.25
N ASP B 204 -7.17 -3.40 14.18
CA ASP B 204 -6.03 -2.90 14.98
C ASP B 204 -5.29 -4.01 15.62
N PHE B 205 -6.03 -4.91 16.21
CA PHE B 205 -5.40 -5.98 16.94
C PHE B 205 -4.55 -6.77 15.97
N CYS B 206 -5.13 -7.17 14.84
CA CYS B 206 -4.40 -8.04 13.89
C CYS B 206 -3.11 -7.39 13.39
N LYS B 207 -3.22 -6.11 13.04
CA LYS B 207 -2.08 -5.35 12.55
C LYS B 207 -1.03 -5.33 13.60
N SER B 208 -1.43 -5.30 14.88
CA SER B 208 -0.46 -5.13 15.98
C SER B 208 0.30 -6.44 16.08
N LYS B 209 -0.30 -7.51 15.56
CA LYS B 209 0.35 -8.82 15.59
C LYS B 209 0.93 -9.31 14.29
N ASP B 210 0.96 -8.46 13.25
CA ASP B 210 1.45 -8.87 11.93
C ASP B 210 0.54 -9.91 11.29
N ILE B 211 -0.75 -9.80 11.59
CA ILE B 211 -1.74 -10.67 11.02
C ILE B 211 -2.55 -9.83 10.03
N VAL B 212 -2.62 -10.26 8.78
CA VAL B 212 -3.37 -9.51 7.79
C VAL B 212 -4.81 -9.92 7.93
N LEU B 213 -5.71 -8.95 8.02
CA LEU B 213 -7.13 -9.19 7.96
C LEU B 213 -7.55 -9.32 6.50
N VAL B 214 -8.01 -10.51 6.15
CA VAL B 214 -8.61 -10.74 4.86
C VAL B 214 -10.14 -10.64 4.99
N ALA B 215 -10.76 -9.74 4.23
CA ALA B 215 -12.21 -9.57 4.35
C ALA B 215 -13.09 -10.31 3.33
N TYR B 216 -14.15 -10.97 3.83
CA TYR B 216 -15.29 -11.33 2.97
C TYR B 216 -16.50 -10.51 3.37
N GLY B 217 -17.59 -10.67 2.62
CA GLY B 217 -18.79 -9.87 2.83
C GLY B 217 -18.58 -8.40 2.50
N VAL B 218 -17.51 -8.12 1.76
CA VAL B 218 -17.12 -6.74 1.49
C VAL B 218 -18.24 -5.99 0.77
N LEU B 219 -19.08 -6.72 0.06
CA LEU B 219 -20.23 -6.13 -0.62
C LEU B 219 -21.55 -6.65 -0.05
N GLY B 220 -21.54 -6.97 1.24
CA GLY B 220 -22.75 -7.42 1.92
C GLY B 220 -23.06 -8.90 1.88
N THR B 221 -22.12 -9.69 1.34
CA THR B 221 -22.24 -11.14 1.14
C THR B 221 -23.25 -11.54 0.03
N GLN B 222 -23.10 -12.77 -0.47
CA GLN B 222 -24.09 -13.33 -1.42
C GLN B 222 -25.47 -13.67 -0.79
N ARG B 223 -25.67 -13.26 0.47
CA ARG B 223 -26.92 -13.47 1.23
C ARG B 223 -27.38 -14.92 1.24
N TYR B 224 -26.47 -15.84 1.53
CA TYR B 224 -26.78 -17.24 1.40
C TYR B 224 -27.96 -17.70 2.28
N GLY B 225 -28.91 -18.39 1.65
CA GLY B 225 -30.01 -19.05 2.37
C GLY B 225 -29.52 -19.94 3.49
N GLY B 226 -30.05 -19.69 4.68
CA GLY B 226 -29.71 -20.48 5.87
C GLY B 226 -28.46 -20.06 6.61
N TRP B 227 -27.82 -19.02 6.12
CA TRP B 227 -26.65 -18.43 6.75
C TRP B 227 -26.90 -16.97 7.02
N VAL B 228 -27.52 -16.29 6.05
CA VAL B 228 -27.82 -14.87 6.15
C VAL B 228 -29.32 -14.63 6.34
N ASP B 229 -29.67 -13.69 7.23
CA ASP B 229 -31.03 -13.26 7.45
C ASP B 229 -31.56 -12.54 6.23
N GLN B 230 -32.60 -13.10 5.64
CA GLN B 230 -32.97 -12.69 4.30
C GLN B 230 -33.65 -11.33 4.31
N ASN B 231 -33.99 -10.86 5.51
CA ASN B 231 -34.57 -9.52 5.67
C ASN B 231 -33.63 -8.46 6.19
N SER B 232 -32.35 -8.79 6.35
CA SER B 232 -31.36 -7.77 6.75
C SER B 232 -31.20 -6.77 5.62
N PRO B 233 -30.75 -5.53 5.93
CA PRO B 233 -30.46 -4.51 4.89
C PRO B 233 -29.45 -4.99 3.85
N VAL B 234 -29.67 -4.62 2.58
CA VAL B 234 -28.74 -4.96 1.49
C VAL B 234 -27.68 -3.86 1.51
N LEU B 235 -26.45 -4.25 1.83
CA LEU B 235 -25.35 -3.27 2.03
C LEU B 235 -25.29 -2.32 0.88
N LEU B 236 -25.29 -2.85 -0.34
CA LEU B 236 -25.05 -1.98 -1.48
C LEU B 236 -26.20 -1.05 -1.81
N ASP B 237 -27.27 -1.12 -1.01
CA ASP B 237 -28.39 -0.17 -1.18
C ASP B 237 -28.21 1.00 -0.23
N GLU B 238 -27.13 1.01 0.55
CA GLU B 238 -26.83 2.14 1.44
C GLU B 238 -26.80 3.48 0.69
N PRO B 239 -27.60 4.44 1.14
CA PRO B 239 -27.67 5.75 0.49
C PRO B 239 -26.29 6.31 0.20
N VAL B 240 -25.39 6.23 1.18
CA VAL B 240 -24.22 7.10 1.22
C VAL B 240 -23.06 6.51 0.42
N LEU B 241 -23.06 5.19 0.29
CA LEU B 241 -22.38 4.54 -0.84
C LEU B 241 -22.90 5.06 -2.17
N GLY B 242 -24.22 5.18 -2.28
CA GLY B 242 -24.84 5.64 -3.52
C GLY B 242 -24.46 7.05 -3.89
N SER B 243 -24.41 7.95 -2.91
CA SER B 243 -23.96 9.32 -3.19
C SER B 243 -22.46 9.42 -3.43
N MET B 244 -21.67 8.61 -2.71
CA MET B 244 -20.22 8.72 -2.82
C MET B 244 -19.87 8.26 -4.17
N ALA B 245 -20.57 7.20 -4.62
CA ALA B 245 -20.41 6.64 -5.95
C ALA B 245 -20.60 7.65 -7.06
N LYS B 246 -21.68 8.45 -6.95
CA LYS B 246 -21.95 9.60 -7.84
C LYS B 246 -20.80 10.60 -7.81
N LYS B 247 -20.41 11.01 -6.61
CA LYS B 247 -19.27 11.93 -6.40
C LYS B 247 -18.01 11.47 -7.12
N TYR B 248 -17.62 10.22 -6.98
CA TYR B 248 -16.43 9.65 -7.68
C TYR B 248 -16.67 9.12 -9.10
N ASN B 249 -17.90 9.16 -9.58
CA ASN B 249 -18.27 8.55 -10.83
C ASN B 249 -17.80 7.09 -10.89
N ARG B 250 -18.10 6.34 -9.83
CA ARG B 250 -17.84 4.92 -9.71
C ARG B 250 -19.17 4.26 -9.34
N THR B 251 -19.12 3.16 -8.60
CA THR B 251 -20.32 2.41 -8.28
C THR B 251 -20.32 2.16 -6.78
N PRO B 252 -21.50 2.00 -6.17
CA PRO B 252 -21.45 1.58 -4.75
C PRO B 252 -20.48 0.43 -4.45
N ALA B 253 -20.48 -0.64 -5.24
CA ALA B 253 -19.49 -1.72 -5.04
C ALA B 253 -18.01 -1.26 -5.05
N LEU B 254 -17.68 -0.38 -6.00
CA LEU B 254 -16.31 0.10 -6.15
C LEU B 254 -15.88 0.96 -4.98
N ILE B 255 -16.83 1.73 -4.45
CA ILE B 255 -16.62 2.46 -3.20
C ILE B 255 -16.34 1.50 -2.05
N ALA B 256 -17.21 0.53 -1.87
CA ALA B 256 -17.11 -0.39 -0.74
C ALA B 256 -15.81 -1.17 -0.78
N LEU B 257 -15.39 -1.56 -1.97
CA LEU B 257 -14.12 -2.27 -2.15
C LEU B 257 -12.94 -1.35 -1.82
N ARG B 258 -12.92 -0.18 -2.43
CA ARG B 258 -11.81 0.75 -2.26
C ARG B 258 -11.59 1.19 -0.82
N TYR B 259 -12.68 1.38 -0.09
CA TYR B 259 -12.70 1.62 1.37
C TYR B 259 -11.82 0.62 2.09
N GLN B 260 -11.96 -0.65 1.71
CA GLN B 260 -11.24 -1.68 2.47
C GLN B 260 -9.81 -1.71 2.03
N LEU B 261 -9.56 -1.63 0.72
CA LEU B 261 -8.16 -1.50 0.28
C LEU B 261 -7.32 -0.42 0.98
N GLN B 262 -7.93 0.75 1.25
CA GLN B 262 -7.16 1.81 1.84
C GLN B 262 -7.02 1.64 3.35
N ARG B 263 -7.59 0.57 3.88
CA ARG B 263 -7.46 0.26 5.29
C ARG B 263 -6.44 -0.85 5.54
N GLY B 264 -5.72 -1.22 4.48
CA GLY B 264 -4.71 -2.25 4.57
C GLY B 264 -5.30 -3.65 4.64
N ILE B 265 -6.52 -3.79 4.17
CA ILE B 265 -7.22 -5.07 4.19
C ILE B 265 -7.11 -5.77 2.84
N VAL B 266 -6.98 -7.10 2.88
CA VAL B 266 -6.98 -7.91 1.65
C VAL B 266 -8.46 -8.18 1.40
N VAL B 267 -8.94 -7.89 0.20
CA VAL B 267 -10.35 -7.89 -0.08
C VAL B 267 -10.76 -9.04 -1.00
N LEU B 268 -11.73 -9.84 -0.58
CA LEU B 268 -12.37 -10.87 -1.45
C LEU B 268 -13.58 -10.27 -2.11
N ASN B 269 -13.96 -10.77 -3.28
CA ASN B 269 -15.21 -10.39 -3.94
C ASN B 269 -15.71 -11.54 -4.81
N THR B 270 -17.02 -11.66 -4.94
CA THR B 270 -17.61 -12.61 -5.87
C THR B 270 -18.72 -11.90 -6.64
N SER B 271 -18.85 -12.16 -7.95
CA SER B 271 -20.07 -11.81 -8.69
C SER B 271 -20.32 -12.97 -9.61
N LEU B 272 -21.59 -13.22 -9.94
CA LEU B 272 -21.88 -14.26 -10.90
C LEU B 272 -21.89 -13.72 -12.34
N LYS B 273 -21.63 -12.42 -12.46
CA LYS B 273 -21.79 -11.64 -13.69
C LYS B 273 -20.43 -11.15 -14.16
N GLU B 274 -20.09 -11.50 -15.42
CA GLU B 274 -18.84 -11.13 -16.06
C GLU B 274 -18.56 -9.61 -16.00
N GLU B 275 -19.58 -8.78 -16.21
CA GLU B 275 -19.31 -7.36 -16.25
C GLU B 275 -19.00 -6.75 -14.89
N ARG B 276 -19.46 -7.39 -13.84
CA ARG B 276 -19.07 -6.92 -12.51
C ARG B 276 -17.71 -7.47 -12.09
N ILE B 277 -17.37 -8.70 -12.49
CA ILE B 277 -16.03 -9.21 -12.25
C ILE B 277 -14.98 -8.24 -12.83
N LYS B 278 -15.19 -7.83 -14.08
CA LYS B 278 -14.39 -6.82 -14.75
C LYS B 278 -14.43 -5.46 -14.02
N GLU B 279 -15.62 -5.02 -13.63
CA GLU B 279 -15.81 -3.73 -12.98
C GLU B 279 -14.97 -3.66 -11.70
N ASN B 280 -14.93 -4.77 -10.95
CA ASN B 280 -14.26 -4.82 -9.62
C ASN B 280 -12.74 -4.63 -9.66
N MET B 281 -12.13 -4.93 -10.81
CA MET B 281 -10.73 -4.58 -11.05
C MET B 281 -10.45 -3.06 -11.15
N GLN B 282 -11.44 -2.23 -11.47
CA GLN B 282 -11.28 -0.75 -11.35
C GLN B 282 -10.96 -0.28 -9.91
N VAL B 283 -11.07 -1.14 -8.89
CA VAL B 283 -10.78 -0.64 -7.54
C VAL B 283 -9.38 0.01 -7.44
N PHE B 284 -8.51 -0.37 -8.37
CA PHE B 284 -7.14 0.12 -8.36
C PHE B 284 -6.97 1.45 -9.01
N GLU B 285 -8.04 1.98 -9.58
CA GLU B 285 -7.93 3.08 -10.50
C GLU B 285 -8.29 4.43 -9.86
N PHE B 286 -8.80 4.47 -8.63
CA PHE B 286 -9.17 5.74 -7.97
C PHE B 286 -8.95 5.69 -6.48
N GLN B 287 -8.92 6.88 -5.85
CA GLN B 287 -8.63 7.06 -4.44
C GLN B 287 -9.80 7.79 -3.75
N LEU B 288 -10.29 7.26 -2.61
CA LEU B 288 -11.20 8.03 -1.71
C LEU B 288 -10.43 9.02 -0.85
N SER B 289 -10.99 10.23 -0.64
CA SER B 289 -10.36 11.24 0.22
C SER B 289 -10.42 10.77 1.68
N SER B 290 -9.51 11.29 2.52
CA SER B 290 -9.44 11.02 3.95
C SER B 290 -10.78 11.35 4.65
N GLU B 291 -11.45 12.42 4.21
CA GLU B 291 -12.77 12.75 4.77
C GLU B 291 -13.87 11.79 4.32
N ASP B 292 -13.79 11.30 3.09
CA ASP B 292 -14.81 10.32 2.62
C ASP B 292 -14.65 8.95 3.33
N MET B 293 -13.41 8.57 3.64
CA MET B 293 -13.11 7.43 4.47
C MET B 293 -13.74 7.57 5.85
N LYS B 294 -13.71 8.79 6.38
CA LYS B 294 -14.25 9.03 7.72
C LYS B 294 -15.76 8.86 7.67
N VAL B 295 -16.36 9.36 6.58
CA VAL B 295 -17.79 9.26 6.33
C VAL B 295 -18.21 7.80 6.28
N LEU B 296 -17.44 7.00 5.57
CA LEU B 296 -17.68 5.57 5.54
C LEU B 296 -17.53 4.89 6.87
N ASP B 297 -16.59 5.36 7.67
CA ASP B 297 -16.33 4.77 8.99
C ASP B 297 -17.59 4.93 9.82
N GLY B 298 -18.35 5.95 9.45
CA GLY B 298 -19.52 6.40 10.20
C GLY B 298 -20.74 5.53 9.97
N LEU B 299 -20.63 4.56 9.05
CA LEU B 299 -21.73 3.68 8.75
C LEU B 299 -21.79 2.48 9.66
N ASN B 300 -20.74 2.26 10.42
CA ASN B 300 -20.67 1.13 11.30
C ASN B 300 -21.89 0.97 12.19
N ARG B 301 -22.50 -0.22 12.17
CA ARG B 301 -23.75 -0.45 12.88
C ARG B 301 -23.88 -1.89 13.40
N ASN B 302 -22.75 -2.58 13.52
CA ASN B 302 -22.74 -3.96 13.99
C ASN B 302 -23.71 -4.89 13.26
N MET B 303 -23.79 -4.76 11.95
CA MET B 303 -24.60 -5.67 11.16
C MET B 303 -23.73 -6.85 10.67
N ARG B 304 -23.85 -7.99 11.35
CA ARG B 304 -23.11 -9.20 11.00
C ARG B 304 -23.91 -10.12 10.09
N TYR B 305 -23.68 -10.06 8.78
CA TYR B 305 -24.46 -10.92 7.85
C TYR B 305 -24.32 -12.45 8.06
N ILE B 306 -23.14 -12.91 8.40
CA ILE B 306 -22.87 -14.33 8.58
C ILE B 306 -22.46 -14.61 10.04
N PRO B 307 -23.46 -14.65 10.94
CA PRO B 307 -23.11 -14.94 12.33
C PRO B 307 -22.85 -16.40 12.63
N ALA B 308 -22.84 -17.26 11.62
CA ALA B 308 -22.77 -18.70 11.86
C ALA B 308 -23.74 -19.14 12.96
N ALA B 309 -24.97 -18.62 12.93
CA ALA B 309 -25.93 -18.90 14.01
C ALA B 309 -26.14 -20.41 14.31
N ILE B 310 -25.97 -21.28 13.31
CA ILE B 310 -26.21 -22.71 13.54
C ILE B 310 -25.17 -23.32 14.49
N PHE B 311 -24.07 -22.61 14.65
CA PHE B 311 -23.04 -23.02 15.60
C PHE B 311 -23.15 -22.37 16.99
N LYS B 312 -24.18 -21.56 17.27
CA LYS B 312 -24.27 -20.69 18.47
C LYS B 312 -24.11 -21.36 19.87
N GLY B 313 -24.35 -22.64 19.97
CA GLY B 313 -24.02 -23.30 21.26
C GLY B 313 -22.75 -24.13 21.21
N HIS B 314 -21.86 -23.87 20.26
CA HIS B 314 -20.54 -24.46 20.31
C HIS B 314 -19.74 -23.63 21.30
N PRO B 315 -18.98 -24.27 22.20
CA PRO B 315 -18.21 -23.43 23.16
C PRO B 315 -17.31 -22.34 22.52
N ASN B 316 -16.84 -22.60 21.30
CA ASN B 316 -15.89 -21.75 20.64
C ASN B 316 -16.54 -20.74 19.72
N TRP B 317 -17.87 -20.62 19.75
CA TRP B 317 -18.60 -19.61 18.90
C TRP B 317 -17.92 -18.27 19.08
N PRO B 318 -17.38 -17.71 18.00
CA PRO B 318 -16.42 -16.59 18.04
C PRO B 318 -17.03 -15.21 18.18
N PHE B 319 -18.34 -15.11 18.02
CA PHE B 319 -19.01 -13.82 17.85
C PHE B 319 -19.76 -13.29 19.07
N LEU B 320 -19.62 -13.98 20.18
CA LEU B 320 -20.11 -13.42 21.45
C LEU B 320 -19.23 -12.26 22.00
N ASP B 321 -17.91 -12.45 22.00
CA ASP B 321 -17.00 -11.40 22.44
C ASP B 321 -17.24 -10.10 21.65
N GLU B 322 -16.89 -8.97 22.27
CA GLU B 322 -16.90 -7.67 21.58
C GLU B 322 -16.02 -7.68 20.32
N TYR B 323 -14.78 -8.13 20.44
CA TYR B 323 -14.07 -8.46 19.22
C TYR B 323 -13.15 -9.61 19.47
PA NDP C . 19.55 10.30 0.79
O1A NDP C . 19.13 10.62 2.19
O2A NDP C . 18.58 9.67 -0.16
O5B NDP C . 20.82 9.33 0.83
C5B NDP C . 21.79 9.70 1.82
C4B NDP C . 23.08 8.91 1.61
O4B NDP C . 22.84 7.53 1.66
C3B NDP C . 23.79 9.14 0.29
O3B NDP C . 24.85 10.11 0.50
C2B NDP C . 24.29 7.79 -0.15
O2B NDP C . 25.73 7.75 -0.16
C1B NDP C . 23.84 6.84 0.94
N9A NDP C . 23.26 5.56 0.48
C8A NDP C . 22.31 5.40 -0.47
N7A NDP C . 22.00 4.10 -0.62
C5A NDP C . 22.73 3.43 0.29
C6A NDP C . 22.82 2.06 0.60
N6A NDP C . 22.05 1.12 -0.06
N1A NDP C . 23.70 1.71 1.60
C2A NDP C . 24.43 2.64 2.22
N3A NDP C . 24.38 3.96 1.96
C4A NDP C . 23.53 4.36 0.96
O3 NDP C . 20.12 11.62 0.12
PN NDP C . 19.33 13.03 -0.01
O1N NDP C . 20.37 14.11 0.17
O2N NDP C . 18.08 13.17 0.73
O5D NDP C . 19.07 13.00 -1.61
C5D NDP C . 17.99 12.33 -2.24
C4D NDP C . 17.28 13.28 -3.19
O4D NDP C . 16.48 14.19 -2.46
C3D NDP C . 18.11 14.26 -3.98
O3D NDP C . 18.86 13.63 -4.98
C2D NDP C . 17.08 15.26 -4.45
O2D NDP C . 16.17 14.63 -5.38
C1D NDP C . 16.21 15.39 -3.21
N1N NDP C . 16.37 16.58 -2.34
C2N NDP C . 15.32 17.42 -2.16
C3N NDP C . 15.40 18.54 -1.32
C7N NDP C . 14.28 19.49 -1.15
O7N NDP C . 14.46 20.61 -0.68
N7N NDP C . 13.11 19.08 -1.60
C4N NDP C . 16.60 18.79 -0.63
C5N NDP C . 17.64 17.89 -0.81
C6N NDP C . 17.53 16.82 -1.70
P2B NDP C . 26.59 7.13 -1.34
O1X NDP C . 26.21 5.75 -1.72
O2X NDP C . 26.36 8.05 -2.51
O3X NDP C . 27.99 7.18 -0.74
C1 MPD D . 21.12 19.61 -2.88
C2 MPD D . 20.46 20.66 -1.99
O2 MPD D . 19.07 20.81 -2.41
CM MPD D . 20.53 20.24 -0.52
C3 MPD D . 21.22 21.99 -2.09
C4 MPD D . 21.13 22.73 -3.42
O4 MPD D . 21.00 21.83 -4.51
C5 MPD D . 19.99 23.75 -3.39
PA NDP E . -19.47 -10.35 -1.52
O1A NDP E . -19.70 -9.48 -0.32
O2A NDP E . -18.08 -10.45 -2.12
O5B NDP E . -20.44 -10.01 -2.76
C5B NDP E . -21.81 -9.69 -2.44
C4B NDP E . -22.66 -9.48 -3.73
O4B NDP E . -22.05 -8.44 -4.47
C3B NDP E . -22.68 -10.66 -4.69
O3B NDP E . -23.86 -11.50 -4.45
C2B NDP E . -22.67 -10.00 -6.08
O2B NDP E . -23.94 -10.18 -6.70
C1B NDP E . -22.54 -8.51 -5.81
N9A NDP E . -21.59 -7.74 -6.63
C8A NDP E . -20.30 -8.11 -6.91
N7A NDP E . -19.72 -7.17 -7.66
C5A NDP E . -20.64 -6.18 -7.85
C6A NDP E . -20.66 -4.98 -8.58
N6A NDP E . -19.57 -4.51 -9.22
N1A NDP E . -21.77 -4.19 -8.59
C2A NDP E . -22.88 -4.57 -7.94
N3A NDP E . -22.92 -5.72 -7.25
C4A NDP E . -21.81 -6.55 -7.21
O3 NDP E . -19.99 -11.82 -1.22
PN NDP E . -19.40 -12.93 -0.24
O1N NDP E . -20.47 -13.87 0.09
O2N NDP E . -18.61 -12.28 0.85
O5D NDP E . -18.38 -13.88 -1.04
C5D NDP E . -17.03 -13.49 -1.17
C4D NDP E . -16.12 -14.69 -1.01
O4D NDP E . -15.85 -14.75 0.41
C3D NDP E . -16.73 -16.08 -1.32
O3D NDP E . -16.63 -16.59 -2.67
C2D NDP E . -15.85 -16.94 -0.44
O2D NDP E . -14.56 -17.10 -1.04
C1D NDP E . -15.58 -16.08 0.78
N1N NDP E . -16.34 -16.38 2.01
C2N NDP E . -15.66 -16.76 3.12
C3N NDP E . -16.35 -17.06 4.28
C7N NDP E . -15.59 -17.48 5.49
O7N NDP E . -16.29 -17.79 6.45
N7N NDP E . -14.23 -17.56 5.47
C4N NDP E . -17.76 -16.94 4.37
C5N NDP E . -18.44 -16.52 3.23
C6N NDP E . -17.72 -16.27 2.06
P2B NDP E . -24.03 -10.65 -8.25
O1X NDP E . -23.24 -9.61 -9.03
O2X NDP E . -23.29 -11.96 -8.29
O3X NDP E . -25.49 -10.82 -8.48
C1 MPD F . -20.62 -19.49 2.10
C2 MPD F . -21.13 -20.15 3.38
O2 MPD F . -19.96 -20.71 4.06
CM MPD F . -21.75 -19.10 4.30
C3 MPD F . -22.20 -21.21 3.07
C4 MPD F . -21.68 -22.62 2.77
O4 MPD F . -20.51 -22.56 2.01
C5 MPD F . -21.35 -23.45 4.02
#